data_5LNW
#
_entry.id   5LNW
#
_cell.length_a   178.261
_cell.length_b   178.261
_cell.length_c   115.309
_cell.angle_alpha   90.000
_cell.angle_beta   90.000
_cell.angle_gamma   120.000
#
_symmetry.space_group_name_H-M   'H 3'
#
loop_
_entity.id
_entity.type
_entity.pdbx_description
1 polymer "Pyridoxal 5'-phosphate synthase subunit PDX1.3"
2 non-polymer '[(2~{R},3~{R})-2,3-bis(oxidanyl)-3-[[(2~{S})-3-oxidanylidenepent-4-en-2-yl]amino]propyl] dihydrogen phosphate'
3 non-polymer 5-O-phosphono-beta-D-ribofuranose
4 non-polymer '[(2~{R})-2,3,3-tris(oxidanyl)propyl] dihydrogen phosphate'
5 non-polymer GLYCEROL
6 water water
#
_entity_poly.entity_id   1
_entity_poly.type   'polypeptide(L)'
_entity_poly.pdbx_seq_one_letter_code
;MEGTGVVAVYGNGAITEAKKSPFSVKVGLAQMLRGGVIMDVVNAEQARIAEEAGACAVMALERVPADIRAQGGVARMSDP
QMIKEIKQAVTIPVMAKARIGHFVEAQILEAIGIDYIDESEVLTLADEDHHINKHNFRIPFVCGCRNLGEALRRIREGAA
MIRTKGEAGTGNIIEAVRHVRSVNGDIRVLRNMDDDEVFTFAKKLAAPYDLVMQTKQLGRLPVVQFAAGGVATPADAALM
MQLGCDGVFVGSGIFKSGDPARRARAIVQAVTHYSDPEMLVEVSCGLGEAMVGINLNDEKVERFANRSEEHHHHHH
;
_entity_poly.pdbx_strand_id   A,B,C,D
#
loop_
_chem_comp.id
_chem_comp.type
_chem_comp.name
_chem_comp.formula
GOL non-polymer GLYCEROL 'C3 H8 O3'
HG3 non-polymer '[(2~{R})-2,3,3-tris(oxidanyl)propyl] dihydrogen phosphate' 'C3 H9 O7 P'
K8P non-polymer '[(2~{R},3~{R})-2,3-bis(oxidanyl)-3-[[(2~{S})-3-oxidanylidenepent-4-en-2-yl]amino]propyl] dihydrogen phosphate' 'C8 H16 N O7 P'
RP5 D-saccharide, beta linking 5-O-phosphono-beta-D-ribofuranose 'C5 H11 O8 P'
#
# COMPACT_ATOMS: atom_id res chain seq x y z
N SER A 21 24.33 -23.68 6.75
CA SER A 21 25.00 -22.41 7.03
C SER A 21 24.84 -22.00 8.50
N PRO A 22 25.85 -21.36 9.07
CA PRO A 22 25.74 -20.87 10.45
C PRO A 22 24.52 -19.99 10.70
N PHE A 23 24.21 -19.05 9.80
CA PHE A 23 23.04 -18.20 10.03
C PHE A 23 21.76 -19.01 10.08
N SER A 24 21.63 -20.02 9.22
CA SER A 24 20.43 -20.84 9.23
C SER A 24 20.27 -21.57 10.56
N VAL A 25 21.38 -21.92 11.21
CA VAL A 25 21.34 -22.62 12.49
C VAL A 25 20.84 -21.70 13.61
N LYS A 26 21.31 -20.44 13.61
CA LYS A 26 20.81 -19.48 14.58
C LYS A 26 19.32 -19.19 14.36
N VAL A 27 18.91 -19.07 13.10
CA VAL A 27 17.50 -18.87 12.80
C VAL A 27 16.68 -20.06 13.30
N GLY A 28 17.18 -21.28 13.06
CA GLY A 28 16.49 -22.46 13.54
C GLY A 28 16.43 -22.51 15.06
N LEU A 29 17.50 -22.09 15.73
CA LEU A 29 17.55 -22.12 17.17
C LEU A 29 16.38 -21.32 17.78
N ALA A 30 16.15 -20.11 17.28
CA ALA A 30 15.12 -19.25 17.86
C ALA A 30 13.70 -19.74 17.58
N GLN A 31 13.53 -20.73 16.71
CA GLN A 31 12.21 -21.31 16.50
C GLN A 31 11.64 -21.85 17.81
N MET A 32 12.51 -22.24 18.75
CA MET A 32 12.04 -22.80 20.01
C MET A 32 11.27 -21.79 20.85
N LEU A 33 11.42 -20.49 20.59
CA LEU A 33 10.75 -19.47 21.38
C LEU A 33 9.32 -19.20 20.93
N ARG A 34 8.93 -19.70 19.75
CA ARG A 34 7.57 -19.53 19.24
C ARG A 34 6.54 -19.89 20.32
N GLY A 35 5.52 -19.05 20.45
CA GLY A 35 4.51 -19.24 21.47
C GLY A 35 4.92 -18.79 22.86
N GLY A 36 6.03 -18.08 23.03
CA GLY A 36 6.55 -17.75 24.34
C GLY A 36 6.49 -16.26 24.69
N VAL A 37 6.70 -15.99 25.98
CA VAL A 37 6.84 -14.63 26.50
C VAL A 37 8.27 -14.48 27.02
N ILE A 38 8.97 -13.44 26.56
CA ILE A 38 10.30 -13.09 27.07
C ILE A 38 10.13 -11.90 28.00
N MET A 39 10.64 -12.02 29.22
CA MET A 39 10.41 -11.03 30.28
C MET A 39 11.70 -10.34 30.69
N ASP A 40 11.66 -9.00 30.78
CA ASP A 40 12.77 -8.23 31.33
C ASP A 40 12.90 -8.53 32.82
N VAL A 41 14.14 -8.70 33.28
CA VAL A 41 14.39 -8.96 34.70
C VAL A 41 15.63 -8.19 35.15
N VAL A 42 15.63 -7.75 36.41
CA VAL A 42 16.73 -6.96 36.96
C VAL A 42 17.44 -7.65 38.13
N ASN A 43 17.05 -8.87 38.49
CA ASN A 43 17.75 -9.61 39.52
C ASN A 43 17.39 -11.07 39.41
N ALA A 44 18.06 -11.89 40.23
CA ALA A 44 17.86 -13.33 40.14
C ALA A 44 16.48 -13.74 40.63
N GLU A 45 15.91 -13.01 41.59
CA GLU A 45 14.59 -13.38 42.08
C GLU A 45 13.52 -13.11 41.03
N GLN A 46 13.62 -11.97 40.34
CA GLN A 46 12.72 -11.67 39.24
C GLN A 46 12.84 -12.70 38.14
N ALA A 47 14.07 -13.13 37.85
CA ALA A 47 14.27 -14.18 36.85
C ALA A 47 13.60 -15.48 37.28
N ARG A 48 13.71 -15.82 38.57
CA ARG A 48 13.05 -17.03 39.07
C ARG A 48 11.53 -16.92 38.98
N ILE A 49 10.98 -15.72 39.17
CA ILE A 49 9.54 -15.54 39.02
C ILE A 49 9.15 -15.67 37.55
N ALA A 50 9.94 -15.09 36.65
CA ALA A 50 9.67 -15.21 35.23
C ALA A 50 9.67 -16.68 34.79
N GLU A 51 10.71 -17.42 35.18
CA GLU A 51 10.81 -18.83 34.78
C GLU A 51 9.66 -19.66 35.33
N GLU A 52 9.31 -19.44 36.61
CA GLU A 52 8.24 -20.21 37.23
C GLU A 52 6.87 -19.84 36.67
N ALA A 53 6.68 -18.58 36.26
CA ALA A 53 5.46 -18.19 35.56
C ALA A 53 5.37 -18.82 34.18
N GLY A 54 6.47 -19.38 33.66
CA GLY A 54 6.46 -20.03 32.38
C GLY A 54 7.04 -19.22 31.23
N ALA A 55 7.84 -18.20 31.52
CA ALA A 55 8.50 -17.45 30.46
C ALA A 55 9.38 -18.38 29.66
N CYS A 56 9.47 -18.11 28.35
CA CYS A 56 10.36 -18.90 27.51
C CYS A 56 11.81 -18.44 27.64
N ALA A 57 12.05 -17.21 28.07
CA ALA A 57 13.40 -16.69 28.20
C ALA A 57 13.32 -15.43 29.05
N VAL A 58 14.46 -15.02 29.61
CA VAL A 58 14.53 -13.76 30.35
C VAL A 58 15.48 -12.80 29.65
N MET A 59 15.19 -11.52 29.80
CA MET A 59 16.01 -10.43 29.30
C MET A 59 16.66 -9.75 30.51
N ALA A 60 17.96 -9.93 30.65
CA ALA A 60 18.66 -9.39 31.82
C ALA A 60 19.04 -7.95 31.56
N LEU A 61 18.70 -7.06 32.48
CA LEU A 61 19.04 -5.64 32.34
C LEU A 61 19.04 -4.97 33.70
N GLU A 62 19.67 -3.79 33.75
CA GLU A 62 19.78 -3.02 34.98
C GLU A 62 18.63 -2.03 35.19
N ARG A 63 17.95 -1.59 34.12
CA ARG A 63 16.75 -0.75 34.26
C ARG A 63 15.71 -1.14 33.21
N VAL A 64 14.45 -1.27 33.62
CA VAL A 64 13.39 -1.58 32.67
C VAL A 64 13.11 -0.38 31.79
N PRO A 65 12.53 -0.56 30.60
CA PRO A 65 12.28 0.59 29.72
C PRO A 65 11.50 1.74 30.37
N ALA A 66 10.43 1.44 31.13
CA ALA A 66 9.71 2.51 31.82
C ALA A 66 10.62 3.34 32.72
N ASP A 67 11.63 2.70 33.35
CA ASP A 67 12.58 3.42 34.18
C ASP A 67 13.63 4.17 33.36
N ILE A 68 14.09 3.57 32.25
CA ILE A 68 15.01 4.27 31.35
C ILE A 68 14.37 5.55 30.84
N ARG A 69 13.11 5.45 30.40
CA ARG A 69 12.42 6.60 29.85
C ARG A 69 12.27 7.71 30.89
N ALA A 70 11.85 7.34 32.09
CA ALA A 70 11.58 8.35 33.12
C ALA A 70 12.87 8.97 33.66
N GLN A 71 13.88 8.15 33.93
CA GLN A 71 15.05 8.63 34.65
C GLN A 71 16.02 9.40 33.77
N GLY A 72 16.17 9.03 32.51
CA GLY A 72 17.14 9.67 31.66
C GLY A 72 18.53 9.05 31.84
N GLY A 73 19.55 9.86 31.51
CA GLY A 73 20.92 9.38 31.53
C GLY A 73 21.25 8.53 30.32
N VAL A 74 22.45 7.95 30.33
CA VAL A 74 22.90 7.05 29.28
C VAL A 74 22.63 5.62 29.74
N ALA A 75 21.99 4.82 28.90
CA ALA A 75 21.68 3.43 29.22
C ALA A 75 22.56 2.53 28.35
N ARG A 76 23.32 1.66 29.01
CA ARG A 76 24.29 0.82 28.32
C ARG A 76 24.05 -0.64 28.64
N MET A 77 24.93 -1.49 28.12
CA MET A 77 25.02 -2.88 28.53
C MET A 77 25.10 -2.94 30.05
N SER A 78 24.51 -4.01 30.61
CA SER A 78 24.56 -4.21 32.06
C SER A 78 25.91 -4.79 32.48
N ASP A 79 26.24 -4.58 33.74
CA ASP A 79 27.43 -5.16 34.33
C ASP A 79 27.41 -6.68 34.11
N PRO A 80 28.49 -7.28 33.60
CA PRO A 80 28.51 -8.74 33.43
C PRO A 80 28.23 -9.51 34.71
N GLN A 81 28.52 -8.93 35.87
CA GLN A 81 28.24 -9.59 37.13
C GLN A 81 26.76 -9.88 37.29
N MET A 82 25.90 -8.88 37.08
CA MET A 82 24.47 -9.10 37.27
C MET A 82 23.91 -10.03 36.21
N ILE A 83 24.45 -9.97 34.99
CA ILE A 83 24.04 -10.91 33.96
C ILE A 83 24.37 -12.35 34.37
N LYS A 84 25.58 -12.56 34.92
CA LYS A 84 25.95 -13.90 35.37
C LYS A 84 25.03 -14.39 36.48
N GLU A 85 24.64 -13.50 37.40
CA GLU A 85 23.75 -13.90 38.49
C GLU A 85 22.40 -14.35 37.96
N ILE A 86 21.90 -13.69 36.92
CA ILE A 86 20.63 -14.09 36.34
C ILE A 86 20.78 -15.39 35.55
N LYS A 87 21.86 -15.51 34.77
CA LYS A 87 22.07 -16.73 34.00
C LYS A 87 22.16 -17.95 34.90
N GLN A 88 22.78 -17.82 36.07
CA GLN A 88 22.86 -18.99 36.93
C GLN A 88 21.61 -19.23 37.76
N ALA A 89 20.66 -18.30 37.78
CA ALA A 89 19.47 -18.51 38.59
C ALA A 89 18.32 -19.18 37.82
N VAL A 90 18.44 -19.36 36.51
CA VAL A 90 17.39 -19.96 35.70
C VAL A 90 18.00 -20.96 34.73
N THR A 91 17.15 -21.83 34.19
CA THR A 91 17.56 -22.80 33.19
C THR A 91 17.06 -22.47 31.80
N ILE A 92 16.12 -21.53 31.67
CA ILE A 92 15.64 -21.06 30.38
C ILE A 92 16.68 -20.10 29.78
N PRO A 93 16.63 -19.81 28.48
CA PRO A 93 17.64 -18.93 27.89
C PRO A 93 17.66 -17.54 28.50
N VAL A 94 18.85 -16.95 28.52
CA VAL A 94 19.04 -15.59 29.04
C VAL A 94 19.51 -14.69 27.90
N MET A 95 18.81 -13.58 27.75
CA MET A 95 19.15 -12.57 26.77
C MET A 95 19.68 -11.33 27.50
N ALA A 96 20.43 -10.52 26.77
CA ALA A 96 20.94 -9.27 27.30
C ALA A 96 21.09 -8.26 26.16
N LYS A 97 20.96 -6.98 26.50
CA LYS A 97 20.88 -5.92 25.53
C LYS A 97 22.24 -5.26 25.37
N ALA A 98 22.55 -4.92 24.12
CA ALA A 98 23.70 -4.11 23.77
C ALA A 98 23.20 -2.87 23.03
N ARG A 99 23.93 -1.77 23.14
CA ARG A 99 23.57 -0.58 22.38
C ARG A 99 23.75 -0.84 20.90
N ILE A 100 22.89 -0.20 20.11
CA ILE A 100 22.95 -0.33 18.65
C ILE A 100 24.31 0.11 18.14
N GLY A 101 24.95 -0.76 17.37
CA GLY A 101 26.27 -0.50 16.85
C GLY A 101 27.40 -0.69 17.83
N HIS A 102 27.13 -1.02 19.08
CA HIS A 102 28.20 -1.20 20.06
C HIS A 102 28.67 -2.66 20.02
N PHE A 103 29.48 -2.96 19.01
CA PHE A 103 29.92 -4.33 18.80
C PHE A 103 30.86 -4.82 19.88
N VAL A 104 31.49 -3.93 20.65
CA VAL A 104 32.32 -4.42 21.74
C VAL A 104 31.46 -4.84 22.94
N GLU A 105 30.38 -4.10 23.23
CA GLU A 105 29.41 -4.58 24.22
C GLU A 105 28.94 -5.99 23.86
N ALA A 106 28.71 -6.24 22.56
CA ALA A 106 28.28 -7.56 22.12
C ALA A 106 29.39 -8.60 22.26
N GLN A 107 30.65 -8.20 22.03
CA GLN A 107 31.74 -9.15 22.24
C GLN A 107 31.80 -9.60 23.68
N ILE A 108 31.55 -8.66 24.60
CA ILE A 108 31.60 -8.95 26.02
C ILE A 108 30.45 -9.89 26.41
N LEU A 109 29.25 -9.59 25.93
CA LEU A 109 28.09 -10.43 26.22
C LEU A 109 28.27 -11.83 25.67
N GLU A 110 28.84 -11.96 24.46
CA GLU A 110 29.10 -13.29 23.93
C GLU A 110 30.11 -14.05 24.80
N ALA A 111 31.10 -13.35 25.37
CA ALA A 111 32.07 -14.00 26.22
C ALA A 111 31.50 -14.42 27.58
N ILE A 112 30.44 -13.76 28.05
CA ILE A 112 29.79 -14.14 29.29
C ILE A 112 29.06 -15.49 29.16
N GLY A 113 28.72 -15.89 27.94
CA GLY A 113 28.00 -17.13 27.75
C GLY A 113 26.49 -17.01 27.82
N ILE A 114 25.92 -15.87 27.47
CA ILE A 114 24.47 -15.81 27.38
C ILE A 114 24.01 -16.38 26.04
N ASP A 115 22.69 -16.46 25.87
CA ASP A 115 22.13 -17.20 24.76
C ASP A 115 21.76 -16.32 23.57
N TYR A 116 21.39 -15.07 23.82
CA TYR A 116 20.99 -14.15 22.76
C TYR A 116 21.48 -12.76 23.12
N ILE A 117 21.87 -11.99 22.11
CA ILE A 117 22.11 -10.57 22.28
C ILE A 117 20.98 -9.81 21.60
N ASP A 118 20.41 -8.85 22.30
CA ASP A 118 19.36 -8.01 21.76
C ASP A 118 20.01 -6.65 21.49
N GLU A 119 20.18 -6.32 20.22
CA GLU A 119 20.69 -5.01 19.85
C GLU A 119 19.51 -4.06 19.90
N SER A 120 19.45 -3.23 20.94
CA SER A 120 18.20 -2.64 21.39
C SER A 120 18.16 -1.12 21.33
N GLU A 121 17.09 -0.60 20.75
CA GLU A 121 16.78 0.82 20.66
C GLU A 121 16.47 1.44 22.02
N VAL A 122 16.11 0.66 23.04
CA VAL A 122 15.80 1.26 24.33
C VAL A 122 17.04 1.71 25.08
N LEU A 123 18.20 1.11 24.79
CA LEU A 123 19.45 1.65 25.29
C LEU A 123 19.85 2.86 24.43
N THR A 124 20.81 3.62 24.91
CA THR A 124 21.25 4.80 24.16
C THR A 124 21.98 4.34 22.91
N LEU A 125 21.63 4.89 21.75
N LEU A 125 21.64 4.90 21.75
CA LEU A 125 22.35 4.58 20.53
CA LEU A 125 22.34 4.53 20.53
C LEU A 125 23.85 4.79 20.73
C LEU A 125 23.82 4.82 20.66
N ALA A 126 24.65 3.82 20.33
CA ALA A 126 26.10 4.05 20.29
C ALA A 126 26.56 4.48 18.89
N ASP A 127 25.84 4.07 17.85
CA ASP A 127 26.22 4.35 16.46
C ASP A 127 24.93 4.68 15.73
N GLU A 128 24.82 5.94 15.27
CA GLU A 128 23.60 6.40 14.62
C GLU A 128 23.48 5.91 13.19
N ASP A 129 24.59 5.49 12.58
CA ASP A 129 24.58 5.16 11.15
C ASP A 129 24.70 3.67 10.83
N HIS A 130 25.23 2.86 11.75
CA HIS A 130 25.47 1.45 11.47
C HIS A 130 25.08 0.60 12.66
N HIS A 131 24.44 -0.54 12.38
CA HIS A 131 24.20 -1.56 13.37
C HIS A 131 25.41 -2.49 13.48
N ILE A 132 25.37 -3.38 14.49
CA ILE A 132 26.41 -4.36 14.68
C ILE A 132 26.39 -5.34 13.52
N ASN A 133 27.57 -5.72 13.04
CA ASN A 133 27.69 -6.74 12.00
C ASN A 133 27.52 -8.09 12.70
N LYS A 134 26.27 -8.56 12.72
CA LYS A 134 25.93 -9.68 13.60
C LYS A 134 26.44 -11.02 13.07
N HIS A 135 26.77 -11.10 11.78
CA HIS A 135 27.42 -12.29 11.23
C HIS A 135 28.78 -12.58 11.86
N ASN A 136 29.44 -11.59 12.45
CA ASN A 136 30.73 -11.82 13.09
C ASN A 136 30.62 -12.56 14.42
N PHE A 137 29.42 -12.95 14.84
CA PHE A 137 29.23 -13.52 16.17
C PHE A 137 28.66 -14.93 16.06
N ARG A 138 29.01 -15.77 17.04
CA ARG A 138 28.46 -17.10 17.04
C ARG A 138 27.08 -17.14 17.67
N ILE A 139 26.78 -16.23 18.60
CA ILE A 139 25.47 -16.31 19.25
C ILE A 139 24.43 -15.50 18.50
N PRO A 140 23.16 -15.91 18.55
CA PRO A 140 22.14 -15.22 17.75
C PRO A 140 21.75 -13.87 18.34
N PHE A 141 21.31 -12.98 17.45
CA PHE A 141 20.89 -11.64 17.83
C PHE A 141 19.40 -11.45 17.59
N VAL A 142 18.79 -10.66 18.45
CA VAL A 142 17.45 -10.11 18.25
C VAL A 142 17.63 -8.63 17.89
N CYS A 143 16.95 -8.17 16.86
CA CYS A 143 16.91 -6.74 16.53
C CYS A 143 15.47 -6.24 16.50
N GLY A 144 15.31 -4.94 16.67
CA GLY A 144 13.99 -4.34 16.57
C GLY A 144 13.70 -3.85 15.17
N CYS A 145 12.41 -3.62 14.89
CA CYS A 145 12.02 -2.97 13.66
C CYS A 145 10.69 -2.26 13.89
N ARG A 146 10.38 -1.34 12.97
CA ARG A 146 9.09 -0.69 12.92
C ARG A 146 8.41 -0.88 11.58
N ASN A 147 9.11 -1.46 10.61
CA ASN A 147 8.55 -1.69 9.27
C ASN A 147 9.33 -2.80 8.59
N LEU A 148 8.81 -3.27 7.46
CA LEU A 148 9.38 -4.45 6.82
C LEU A 148 10.78 -4.17 6.27
N GLY A 149 11.01 -2.95 5.78
CA GLY A 149 12.35 -2.59 5.32
C GLY A 149 13.39 -2.73 6.42
N GLU A 150 13.10 -2.14 7.59
CA GLU A 150 14.01 -2.26 8.73
C GLU A 150 14.23 -3.71 9.12
N ALA A 151 13.17 -4.51 9.15
CA ALA A 151 13.31 -5.92 9.55
C ALA A 151 14.24 -6.64 8.58
N LEU A 152 14.06 -6.42 7.28
CA LEU A 152 14.89 -7.14 6.35
C LEU A 152 16.34 -6.66 6.40
N ARG A 153 16.57 -5.38 6.72
CA ARG A 153 17.95 -4.89 6.85
C ARG A 153 18.61 -5.50 8.06
N ARG A 154 17.89 -5.57 9.18
CA ARG A 154 18.43 -6.21 10.37
C ARG A 154 18.78 -7.66 10.09
N ILE A 155 17.87 -8.41 9.45
CA ILE A 155 18.14 -9.80 9.12
C ILE A 155 19.37 -9.91 8.22
N ARG A 156 19.51 -9.02 7.24
CA ARG A 156 20.67 -9.14 6.37
C ARG A 156 21.98 -8.89 7.12
N GLU A 157 21.96 -8.00 8.11
CA GLU A 157 23.10 -7.79 8.99
C GLU A 157 23.33 -8.97 9.92
N GLY A 158 22.36 -9.89 10.04
CA GLY A 158 22.56 -11.13 10.74
C GLY A 158 21.65 -11.38 11.92
N ALA A 159 20.65 -10.52 12.15
CA ALA A 159 19.70 -10.79 13.23
C ALA A 159 19.00 -12.12 12.96
N ALA A 160 18.90 -12.94 13.98
CA ALA A 160 18.24 -14.24 13.87
C ALA A 160 16.79 -14.17 14.32
N MET A 161 16.35 -13.02 14.82
CA MET A 161 15.02 -12.87 15.38
C MET A 161 14.69 -11.38 15.39
N ILE A 162 13.43 -11.05 15.17
CA ILE A 162 12.98 -9.67 15.03
C ILE A 162 11.95 -9.36 16.11
N ARG A 163 12.13 -8.22 16.76
CA ARG A 163 11.15 -7.56 17.62
C ARG A 163 10.46 -6.50 16.78
N THR A 164 9.16 -6.61 16.58
CA THR A 164 8.41 -5.53 15.96
C THR A 164 7.93 -4.60 17.06
N LYS A 165 8.42 -3.36 17.04
CA LYS A 165 8.44 -2.49 18.22
C LYS A 165 7.25 -1.55 18.29
N GLY A 166 6.69 -1.44 19.50
CA GLY A 166 5.85 -0.32 19.90
C GLY A 166 6.65 0.75 20.62
N GLU A 167 6.01 1.42 21.58
CA GLU A 167 6.67 2.41 22.43
C GLU A 167 7.03 1.73 23.74
N ALA A 168 8.32 1.61 24.03
CA ALA A 168 8.74 0.93 25.25
C ALA A 168 8.45 1.78 26.46
N GLY A 169 8.01 1.12 27.53
CA GLY A 169 7.83 1.78 28.81
C GLY A 169 6.56 2.59 29.00
N THR A 170 5.68 2.63 28.01
CA THR A 170 4.47 3.44 28.11
C THR A 170 3.22 2.65 28.47
N GLY A 171 3.25 1.32 28.38
CA GLY A 171 2.03 0.56 28.60
C GLY A 171 0.97 0.79 27.56
N ASN A 172 1.31 1.46 26.46
CA ASN A 172 0.37 1.82 25.40
C ASN A 172 0.69 0.94 24.19
N ILE A 173 -0.29 0.12 23.78
CA ILE A 173 -0.10 -0.86 22.73
C ILE A 173 -0.22 -0.26 21.33
N ILE A 174 -0.59 1.03 21.21
CA ILE A 174 -0.99 1.57 19.91
C ILE A 174 0.14 1.47 18.87
N GLU A 175 1.39 1.78 19.25
CA GLU A 175 2.46 1.74 18.25
C GLU A 175 2.82 0.32 17.85
N ALA A 176 2.76 -0.62 18.79
CA ALA A 176 2.99 -2.02 18.43
C ALA A 176 1.95 -2.51 17.44
N VAL A 177 0.68 -2.18 17.68
CA VAL A 177 -0.36 -2.51 16.70
C VAL A 177 -0.03 -1.90 15.34
N ARG A 178 0.30 -0.60 15.34
CA ARG A 178 0.64 0.07 14.10
C ARG A 178 1.76 -0.66 13.37
N HIS A 179 2.84 -0.98 14.09
CA HIS A 179 4.02 -1.56 13.45
C HIS A 179 3.82 -3.04 13.09
N VAL A 180 3.11 -3.79 13.93
CA VAL A 180 2.79 -5.17 13.55
C VAL A 180 1.91 -5.20 12.30
N ARG A 181 0.88 -4.35 12.25
CA ARG A 181 0.04 -4.30 11.06
C ARG A 181 0.82 -3.86 9.84
N SER A 182 1.78 -2.94 10.02
CA SER A 182 2.59 -2.47 8.90
C SER A 182 3.45 -3.60 8.33
N VAL A 183 4.27 -4.23 9.17
CA VAL A 183 5.13 -5.33 8.73
C VAL A 183 4.30 -6.44 8.09
N ASN A 184 3.25 -6.90 8.77
CA ASN A 184 2.48 -8.01 8.23
C ASN A 184 1.65 -7.59 7.02
N GLY A 185 1.17 -6.34 6.99
CA GLY A 185 0.46 -5.86 5.81
C GLY A 185 1.34 -5.81 4.58
N ASP A 186 2.60 -5.38 4.74
CA ASP A 186 3.53 -5.36 3.61
C ASP A 186 3.87 -6.78 3.14
N ILE A 187 4.03 -7.71 4.08
CA ILE A 187 4.27 -9.10 3.68
C ILE A 187 3.09 -9.64 2.87
N ARG A 188 1.87 -9.32 3.28
CA ARG A 188 0.69 -9.78 2.52
C ARG A 188 0.63 -9.14 1.13
N VAL A 189 0.94 -7.84 1.05
CA VAL A 189 1.01 -7.18 -0.26
C VAL A 189 2.04 -7.88 -1.13
N LEU A 190 3.19 -8.20 -0.54
CA LEU A 190 4.29 -8.80 -1.28
C LEU A 190 3.92 -10.19 -1.80
N ARG A 191 3.17 -10.97 -1.01
N ARG A 191 3.19 -10.98 -1.01
CA ARG A 191 2.89 -12.36 -1.38
CA ARG A 191 2.87 -12.35 -1.38
C ARG A 191 2.26 -12.45 -2.77
C ARG A 191 2.28 -12.43 -2.78
N ASN A 192 1.33 -11.56 -3.07
CA ASN A 192 0.53 -11.60 -4.28
C ASN A 192 1.05 -10.67 -5.37
N MET A 193 2.14 -9.95 -5.12
CA MET A 193 2.62 -8.91 -6.03
C MET A 193 3.11 -9.53 -7.33
N ASP A 194 2.81 -8.86 -8.45
CA ASP A 194 3.46 -9.18 -9.73
C ASP A 194 4.97 -9.29 -9.52
N ASP A 195 5.55 -10.40 -10.01
CA ASP A 195 6.99 -10.59 -9.85
C ASP A 195 7.77 -9.44 -10.45
N ASP A 196 7.29 -8.91 -11.58
CA ASP A 196 8.05 -7.85 -12.26
C ASP A 196 8.14 -6.58 -11.42
N GLU A 197 7.27 -6.41 -10.40
CA GLU A 197 7.21 -5.21 -9.58
C GLU A 197 8.02 -5.31 -8.29
N VAL A 198 8.51 -6.51 -7.95
CA VAL A 198 9.23 -6.68 -6.68
C VAL A 198 10.56 -5.92 -6.65
N PHE A 199 11.23 -5.76 -7.80
CA PHE A 199 12.50 -5.04 -7.83
C PHE A 199 12.32 -3.61 -7.30
N THR A 200 11.28 -2.93 -7.77
CA THR A 200 10.98 -1.58 -7.31
C THR A 200 10.54 -1.59 -5.86
N PHE A 201 9.75 -2.60 -5.48
CA PHE A 201 9.34 -2.72 -4.08
C PHE A 201 10.55 -2.83 -3.18
N ALA A 202 11.53 -3.65 -3.56
CA ALA A 202 12.77 -3.73 -2.78
C ALA A 202 13.51 -2.40 -2.77
N LYS A 203 13.51 -1.68 -3.89
CA LYS A 203 14.14 -0.37 -3.90
C LYS A 203 13.44 0.57 -2.93
N LYS A 204 12.10 0.63 -2.99
N LYS A 204 12.09 0.59 -2.96
CA LYS A 204 11.35 1.50 -2.10
CA LYS A 204 11.34 1.51 -2.10
C LYS A 204 11.62 1.12 -0.65
C LYS A 204 11.36 1.11 -0.63
N LEU A 205 11.57 -0.16 -0.32
CA LEU A 205 11.84 -0.58 1.04
C LEU A 205 13.29 -0.33 1.43
N ALA A 206 14.17 -0.09 0.46
CA ALA A 206 15.61 -0.08 0.69
C ALA A 206 16.04 -1.34 1.43
N ALA A 207 15.56 -2.48 0.94
CA ALA A 207 15.81 -3.78 1.54
C ALA A 207 16.43 -4.71 0.50
N PRO A 208 17.24 -5.67 0.92
CA PRO A 208 17.93 -6.55 -0.05
C PRO A 208 16.95 -7.39 -0.85
N TYR A 209 17.05 -7.31 -2.17
CA TYR A 209 16.09 -7.99 -3.04
C TYR A 209 15.95 -9.47 -2.71
N ASP A 210 17.08 -10.16 -2.43
CA ASP A 210 17.00 -11.60 -2.19
C ASP A 210 16.13 -11.91 -0.98
N LEU A 211 16.25 -11.11 0.09
CA LEU A 211 15.41 -11.31 1.27
C LEU A 211 13.96 -10.94 1.01
N VAL A 212 13.71 -9.92 0.19
CA VAL A 212 12.33 -9.61 -0.21
C VAL A 212 11.70 -10.80 -0.92
N MET A 213 12.43 -11.44 -1.83
CA MET A 213 11.88 -12.59 -2.54
C MET A 213 11.68 -13.77 -1.61
N GLN A 214 12.59 -13.96 -0.64
CA GLN A 214 12.40 -15.05 0.31
C GLN A 214 11.15 -14.82 1.16
N THR A 215 10.96 -13.58 1.62
CA THR A 215 9.73 -13.22 2.32
C THR A 215 8.50 -13.47 1.46
N LYS A 216 8.56 -13.08 0.19
CA LYS A 216 7.42 -13.31 -0.70
C LYS A 216 7.14 -14.80 -0.83
N GLN A 217 8.18 -15.63 -0.95
CA GLN A 217 7.96 -17.05 -1.13
C GLN A 217 7.41 -17.71 0.12
N LEU A 218 7.87 -17.28 1.30
CA LEU A 218 7.40 -17.86 2.55
C LEU A 218 6.04 -17.32 2.97
N GLY A 219 5.68 -16.11 2.56
CA GLY A 219 4.49 -15.52 3.10
C GLY A 219 4.60 -15.11 4.55
N ARG A 220 5.82 -14.98 5.06
CA ARG A 220 6.04 -14.47 6.40
C ARG A 220 7.50 -14.05 6.50
N LEU A 221 7.84 -13.42 7.63
CA LEU A 221 9.22 -13.00 7.83
C LEU A 221 10.11 -14.24 7.90
N PRO A 222 11.33 -14.18 7.34
CA PRO A 222 12.21 -15.36 7.34
C PRO A 222 12.73 -15.74 8.70
N VAL A 223 12.45 -14.96 9.74
CA VAL A 223 12.88 -15.29 11.10
C VAL A 223 11.69 -15.10 12.03
N VAL A 224 11.83 -15.66 13.23
CA VAL A 224 10.84 -15.47 14.27
C VAL A 224 10.59 -13.98 14.51
N GLN A 225 9.33 -13.60 14.66
CA GLN A 225 8.90 -12.21 14.82
C GLN A 225 8.05 -12.08 16.09
N PHE A 226 8.56 -11.37 17.08
CA PHE A 226 7.84 -11.10 18.31
C PHE A 226 7.36 -9.65 18.32
N ALA A 227 6.35 -9.39 19.14
CA ALA A 227 5.95 -8.02 19.41
C ALA A 227 6.58 -7.56 20.72
N ALA A 228 6.92 -6.28 20.78
CA ALA A 228 7.56 -5.72 21.96
C ALA A 228 7.21 -4.25 22.06
N GLY A 229 6.92 -3.80 23.27
CA GLY A 229 6.67 -2.39 23.47
C GLY A 229 5.23 -2.13 23.81
N GLY A 230 4.95 -1.95 25.09
CA GLY A 230 3.66 -1.52 25.54
C GLY A 230 2.67 -2.61 25.91
N VAL A 231 3.09 -3.88 25.93
CA VAL A 231 2.18 -4.98 26.23
C VAL A 231 1.98 -4.99 27.73
N ALA A 232 0.81 -4.53 28.18
CA ALA A 232 0.55 -4.35 29.59
C ALA A 232 -0.40 -5.38 30.17
N THR A 233 -1.27 -5.96 29.37
CA THR A 233 -2.35 -6.81 29.84
C THR A 233 -2.36 -8.12 29.07
N PRO A 234 -2.98 -9.16 29.64
CA PRO A 234 -3.20 -10.39 28.87
C PRO A 234 -3.91 -10.12 27.56
N ALA A 235 -4.89 -9.21 27.57
CA ALA A 235 -5.58 -8.84 26.33
C ALA A 235 -4.62 -8.28 25.29
N ASP A 236 -3.68 -7.41 25.71
CA ASP A 236 -2.67 -6.91 24.80
C ASP A 236 -1.84 -8.04 24.21
N ALA A 237 -1.39 -8.96 25.04
CA ALA A 237 -0.53 -10.04 24.57
C ALA A 237 -1.26 -10.94 23.58
N ALA A 238 -2.51 -11.32 23.91
CA ALA A 238 -3.27 -12.15 22.99
C ALA A 238 -3.57 -11.39 21.69
N LEU A 239 -3.79 -10.07 21.78
CA LEU A 239 -3.95 -9.25 20.58
C LEU A 239 -2.76 -9.37 19.64
N MET A 240 -1.53 -9.26 20.17
CA MET A 240 -0.35 -9.41 19.33
C MET A 240 -0.30 -10.78 18.68
N MET A 241 -0.69 -11.83 19.41
CA MET A 241 -0.72 -13.15 18.81
C MET A 241 -1.78 -13.23 17.69
N GLN A 242 -2.97 -12.67 17.92
CA GLN A 242 -4.01 -12.75 16.89
C GLN A 242 -3.64 -11.93 15.67
N LEU A 243 -2.81 -10.90 15.85
CA LEU A 243 -2.31 -10.14 14.71
C LEU A 243 -1.19 -10.86 13.96
N GLY A 244 -0.74 -12.03 14.43
CA GLY A 244 0.22 -12.83 13.69
C GLY A 244 1.61 -12.89 14.29
N CYS A 245 1.85 -12.34 15.46
CA CYS A 245 3.17 -12.43 16.06
C CYS A 245 3.44 -13.87 16.55
N ASP A 246 4.71 -14.18 16.71
CA ASP A 246 5.11 -15.50 17.22
C ASP A 246 5.26 -15.52 18.73
N GLY A 247 5.20 -14.37 19.37
CA GLY A 247 5.43 -14.26 20.80
C GLY A 247 5.54 -12.79 21.17
N VAL A 248 5.73 -12.53 22.47
CA VAL A 248 5.83 -11.16 22.94
C VAL A 248 6.97 -10.98 23.93
N PHE A 249 7.56 -9.79 23.91
CA PHE A 249 8.44 -9.31 24.97
C PHE A 249 7.60 -8.46 25.94
N VAL A 250 7.87 -8.60 27.23
CA VAL A 250 7.27 -7.75 28.24
C VAL A 250 8.38 -7.27 29.16
N GLY A 251 8.42 -5.97 29.40
CA GLY A 251 9.44 -5.44 30.27
C GLY A 251 8.81 -4.79 31.47
N SER A 252 8.18 -3.64 31.22
CA SER A 252 7.63 -2.84 32.30
C SER A 252 6.30 -3.42 32.78
N GLY A 253 5.48 -3.92 31.85
CA GLY A 253 4.13 -4.37 32.15
C GLY A 253 3.98 -5.35 33.30
N ILE A 254 5.02 -6.10 33.63
CA ILE A 254 4.92 -7.14 34.66
C ILE A 254 5.37 -6.62 36.02
N PHE A 255 6.61 -6.15 36.11
CA PHE A 255 7.18 -5.79 37.41
C PHE A 255 6.82 -4.38 37.87
N LYS A 256 6.30 -3.53 36.97
CA LYS A 256 5.75 -2.24 37.37
C LYS A 256 4.25 -2.30 37.66
N SER A 257 3.70 -3.48 37.84
CA SER A 257 2.27 -3.67 38.13
C SER A 257 2.10 -4.11 39.58
N GLY A 258 0.83 -4.18 40.00
CA GLY A 258 0.46 -4.56 41.36
C GLY A 258 1.01 -5.90 41.80
N ASP A 259 0.58 -6.98 41.15
CA ASP A 259 1.07 -8.33 41.45
C ASP A 259 1.83 -8.86 40.24
N PRO A 260 3.16 -8.69 40.19
CA PRO A 260 3.90 -9.15 39.01
C PRO A 260 3.88 -10.66 38.79
N ALA A 261 4.09 -11.45 39.86
CA ALA A 261 4.16 -12.90 39.70
C ALA A 261 2.86 -13.47 39.15
N ARG A 262 1.73 -12.92 39.59
CA ARG A 262 0.45 -13.35 39.05
C ARG A 262 0.24 -12.78 37.65
N ARG A 263 0.68 -11.54 37.42
CA ARG A 263 0.51 -10.96 36.08
C ARG A 263 1.39 -11.65 35.06
N ALA A 264 2.58 -12.10 35.48
CA ALA A 264 3.47 -12.82 34.57
C ALA A 264 2.81 -14.12 34.10
N ARG A 265 2.27 -14.89 35.04
CA ARG A 265 1.54 -16.10 34.68
C ARG A 265 0.38 -15.78 33.74
N ALA A 266 -0.35 -14.69 34.01
CA ALA A 266 -1.51 -14.37 33.19
C ALA A 266 -1.13 -14.07 31.74
N ILE A 267 -0.03 -13.35 31.54
CA ILE A 267 0.40 -13.01 30.18
C ILE A 267 0.92 -14.25 29.44
N VAL A 268 1.67 -15.10 30.15
CA VAL A 268 2.10 -16.38 29.56
C VAL A 268 0.88 -17.18 29.11
N GLN A 269 -0.14 -17.25 29.95
N GLN A 269 -0.14 -17.27 29.98
CA GLN A 269 -1.29 -18.07 29.60
CA GLN A 269 -1.33 -18.05 29.64
C GLN A 269 -2.12 -17.42 28.48
C GLN A 269 -2.05 -17.42 28.45
N ALA A 270 -2.09 -16.08 28.39
CA ALA A 270 -2.78 -15.40 27.30
C ALA A 270 -2.11 -15.67 25.96
N VAL A 271 -0.77 -15.76 25.94
CA VAL A 271 -0.09 -16.06 24.68
C VAL A 271 -0.32 -17.51 24.27
N THR A 272 -0.32 -18.42 25.24
CA THR A 272 -0.60 -19.83 24.93
C THR A 272 -2.04 -20.03 24.46
N HIS A 273 -2.99 -19.31 25.06
CA HIS A 273 -4.40 -19.52 24.80
C HIS A 273 -5.04 -18.31 24.10
N TYR A 274 -4.30 -17.72 23.15
CA TYR A 274 -4.69 -16.42 22.62
C TYR A 274 -6.02 -16.45 21.89
N SER A 275 -6.47 -17.61 21.42
CA SER A 275 -7.71 -17.69 20.65
C SER A 275 -8.87 -18.21 21.49
N ASP A 276 -8.75 -18.17 22.81
CA ASP A 276 -9.72 -18.77 23.74
C ASP A 276 -10.22 -17.69 24.69
N PRO A 277 -11.33 -17.02 24.38
CA PRO A 277 -11.80 -15.91 25.22
C PRO A 277 -12.14 -16.31 26.65
N GLU A 278 -12.62 -17.54 26.87
CA GLU A 278 -12.93 -17.94 28.24
C GLU A 278 -11.67 -18.00 29.09
N MET A 279 -10.57 -18.47 28.50
CA MET A 279 -9.29 -18.46 29.21
C MET A 279 -8.80 -17.03 29.42
N LEU A 280 -8.98 -16.15 28.42
CA LEU A 280 -8.53 -14.77 28.58
C LEU A 280 -9.29 -14.08 29.71
N VAL A 281 -10.59 -14.38 29.83
CA VAL A 281 -11.38 -13.85 30.94
C VAL A 281 -10.83 -14.35 32.27
N GLU A 282 -10.61 -15.66 32.37
CA GLU A 282 -10.14 -16.26 33.61
C GLU A 282 -8.82 -15.64 34.07
N VAL A 283 -7.85 -15.50 33.16
CA VAL A 283 -6.56 -14.97 33.59
C VAL A 283 -6.60 -13.46 33.84
N SER A 284 -7.53 -12.74 33.18
CA SER A 284 -7.62 -11.30 33.37
C SER A 284 -8.42 -10.93 34.62
N CYS A 285 -9.18 -11.87 35.17
CA CYS A 285 -10.15 -11.52 36.21
C CYS A 285 -9.44 -11.30 37.54
N GLY A 286 -9.72 -10.16 38.16
CA GLY A 286 -9.11 -9.82 39.44
C GLY A 286 -7.61 -9.73 39.40
N LEU A 287 -7.04 -9.34 38.26
CA LEU A 287 -5.59 -9.33 38.10
C LEU A 287 -4.90 -8.16 38.79
N GLY A 288 -5.65 -7.31 39.49
CA GLY A 288 -5.00 -6.20 40.17
C GLY A 288 -4.57 -5.11 39.20
N GLU A 289 -3.89 -4.12 39.75
CA GLU A 289 -3.58 -2.90 39.02
C GLU A 289 -2.51 -3.16 37.96
N ALA A 290 -2.81 -2.79 36.72
CA ALA A 290 -1.81 -2.84 35.65
C ALA A 290 -0.87 -1.64 35.79
N MET A 291 0.19 -1.61 34.97
CA MET A 291 1.18 -0.55 35.11
C MET A 291 0.55 0.81 34.82
N VAL A 292 1.06 1.84 35.52
CA VAL A 292 0.65 3.22 35.29
C VAL A 292 1.47 3.70 34.10
N GLY A 293 0.89 3.63 32.91
CA GLY A 293 1.58 4.01 31.70
C GLY A 293 1.60 5.51 31.50
N ILE A 294 1.82 5.91 30.25
CA ILE A 294 1.88 7.33 29.90
C ILE A 294 1.49 7.54 28.44
N LYS B 20 -34.80 -10.11 10.35
CA LYS B 20 -34.37 -11.50 10.22
C LYS B 20 -32.84 -11.67 10.30
N SER B 21 -32.10 -10.61 9.94
CA SER B 21 -30.65 -10.74 9.90
C SER B 21 -30.06 -10.60 11.30
N PRO B 22 -28.89 -11.22 11.54
CA PRO B 22 -28.24 -11.03 12.85
C PRO B 22 -27.97 -9.56 13.19
N PHE B 23 -27.53 -8.76 12.23
CA PHE B 23 -27.30 -7.34 12.50
C PHE B 23 -28.61 -6.63 12.85
N SER B 24 -29.68 -6.98 12.14
CA SER B 24 -30.98 -6.37 12.40
C SER B 24 -31.48 -6.70 13.81
N VAL B 25 -31.16 -7.89 14.32
CA VAL B 25 -31.56 -8.24 15.67
C VAL B 25 -30.80 -7.40 16.70
N LYS B 26 -29.50 -7.18 16.46
CA LYS B 26 -28.72 -6.32 17.36
C LYS B 26 -29.25 -4.90 17.33
N VAL B 27 -29.56 -4.39 16.13
CA VAL B 27 -30.17 -3.07 16.01
C VAL B 27 -31.47 -3.00 16.80
N GLY B 28 -32.27 -4.07 16.75
CA GLY B 28 -33.50 -4.10 17.52
C GLY B 28 -33.28 -4.08 19.01
N LEU B 29 -32.21 -4.73 19.49
CA LEU B 29 -31.93 -4.69 20.93
C LEU B 29 -31.69 -3.26 21.41
N ALA B 30 -30.87 -2.51 20.67
CA ALA B 30 -30.58 -1.12 21.03
C ALA B 30 -31.82 -0.22 20.92
N GLN B 31 -32.76 -0.56 20.04
CA GLN B 31 -34.04 0.14 19.98
C GLN B 31 -34.69 0.20 21.35
N MET B 32 -34.59 -0.88 22.13
CA MET B 32 -35.21 -0.93 23.46
C MET B 32 -34.71 0.16 24.40
N LEU B 33 -33.59 0.80 24.08
CA LEU B 33 -33.05 1.81 24.98
C LEU B 33 -33.57 3.21 24.69
N ARG B 34 -34.32 3.37 23.60
CA ARG B 34 -34.85 4.68 23.20
C ARG B 34 -35.49 5.39 24.38
N GLY B 35 -35.25 6.69 24.47
CA GLY B 35 -35.80 7.47 25.55
C GLY B 35 -35.14 7.28 26.88
N GLY B 36 -34.00 6.60 26.93
CA GLY B 36 -33.33 6.28 28.17
C GLY B 36 -32.06 7.12 28.40
N VAL B 37 -31.57 7.00 29.63
CA VAL B 37 -30.30 7.59 30.05
C VAL B 37 -29.36 6.46 30.43
N ILE B 38 -28.17 6.44 29.86
CA ILE B 38 -27.14 5.47 30.19
C ILE B 38 -26.10 6.16 31.07
N MET B 39 -25.83 5.58 32.25
CA MET B 39 -24.96 6.19 33.24
C MET B 39 -23.68 5.41 33.44
N ASP B 40 -22.56 6.14 33.52
CA ASP B 40 -21.27 5.57 33.88
C ASP B 40 -21.26 5.30 35.37
N VAL B 41 -20.84 4.10 35.76
CA VAL B 41 -20.78 3.71 37.16
C VAL B 41 -19.44 3.01 37.40
N VAL B 42 -18.92 3.13 38.62
CA VAL B 42 -17.61 2.58 38.96
C VAL B 42 -17.67 1.51 40.04
N ASN B 43 -18.84 1.23 40.59
CA ASN B 43 -18.98 0.15 41.56
C ASN B 43 -20.44 -0.26 41.62
N ALA B 44 -20.69 -1.33 42.39
CA ALA B 44 -22.03 -1.87 42.49
C ALA B 44 -22.99 -0.88 43.12
N GLU B 45 -22.52 -0.06 44.06
CA GLU B 45 -23.40 0.87 44.76
C GLU B 45 -23.92 1.94 43.81
N GLN B 46 -23.02 2.58 43.05
CA GLN B 46 -23.42 3.55 42.05
C GLN B 46 -24.30 2.91 40.98
N ALA B 47 -24.03 1.64 40.65
CA ALA B 47 -24.89 0.92 39.72
C ALA B 47 -26.32 0.87 40.24
N ARG B 48 -26.50 0.60 41.54
CA ARG B 48 -27.84 0.56 42.11
C ARG B 48 -28.50 1.94 42.08
N ILE B 49 -27.75 2.98 42.43
CA ILE B 49 -28.28 4.35 42.36
C ILE B 49 -28.75 4.65 40.94
N ALA B 50 -27.92 4.31 39.95
CA ALA B 50 -28.30 4.51 38.57
C ALA B 50 -29.61 3.79 38.24
N GLU B 51 -29.70 2.50 38.59
CA GLU B 51 -30.92 1.75 38.29
C GLU B 51 -32.13 2.32 39.02
N GLU B 52 -31.97 2.62 40.32
CA GLU B 52 -33.09 3.13 41.11
C GLU B 52 -33.57 4.49 40.62
N ALA B 53 -32.67 5.32 40.09
CA ALA B 53 -33.04 6.59 39.50
C ALA B 53 -33.71 6.44 38.14
N GLY B 54 -33.69 5.27 37.55
CA GLY B 54 -34.38 5.02 36.31
C GLY B 54 -33.53 4.96 35.06
N ALA B 55 -32.22 4.75 35.20
CA ALA B 55 -31.37 4.62 34.02
C ALA B 55 -31.80 3.41 33.22
N CYS B 56 -31.72 3.52 31.89
CA CYS B 56 -32.04 2.37 31.05
C CYS B 56 -30.90 1.37 31.00
N ALA B 57 -29.67 1.79 31.30
CA ALA B 57 -28.53 0.89 31.35
C ALA B 57 -27.43 1.57 32.15
N VAL B 58 -26.41 0.78 32.49
CA VAL B 58 -25.22 1.32 33.13
C VAL B 58 -23.99 0.97 32.31
N MET B 59 -23.00 1.86 32.35
CA MET B 59 -21.73 1.69 31.66
C MET B 59 -20.68 1.41 32.72
N ALA B 60 -20.18 0.19 32.77
CA ALA B 60 -19.21 -0.18 33.79
C ALA B 60 -17.81 0.25 33.37
N LEU B 61 -17.13 0.99 34.24
CA LEU B 61 -15.76 1.42 33.95
C LEU B 61 -15.03 1.70 35.25
N GLU B 62 -13.70 1.83 35.14
CA GLU B 62 -12.85 2.05 36.31
C GLU B 62 -12.56 3.52 36.58
N ARG B 63 -12.62 4.39 35.57
CA ARG B 63 -12.49 5.83 35.79
C ARG B 63 -13.46 6.59 34.91
N VAL B 64 -14.15 7.57 35.48
CA VAL B 64 -15.07 8.43 34.72
C VAL B 64 -14.28 9.25 33.71
N PRO B 65 -14.89 9.69 32.61
CA PRO B 65 -14.14 10.46 31.61
C PRO B 65 -13.52 11.75 32.14
N ALA B 66 -14.14 12.40 33.14
CA ALA B 66 -13.52 13.57 33.75
C ALA B 66 -12.26 13.20 34.53
N ASP B 67 -12.25 12.01 35.16
CA ASP B 67 -11.03 11.54 35.84
C ASP B 67 -9.98 11.08 34.84
N ILE B 68 -10.40 10.44 33.75
CA ILE B 68 -9.44 10.04 32.72
C ILE B 68 -8.78 11.27 32.13
N ARG B 69 -9.57 12.31 31.88
CA ARG B 69 -9.06 13.53 31.23
C ARG B 69 -8.03 14.22 32.11
N ALA B 70 -8.30 14.32 33.41
CA ALA B 70 -7.38 15.01 34.31
C ALA B 70 -6.15 14.17 34.62
N GLN B 71 -6.35 12.89 34.95
CA GLN B 71 -5.26 12.09 35.51
C GLN B 71 -4.22 11.70 34.48
N GLY B 72 -4.61 11.53 33.22
CA GLY B 72 -3.69 11.02 32.22
C GLY B 72 -3.58 9.50 32.30
N GLY B 73 -2.43 8.99 31.84
CA GLY B 73 -2.17 7.56 31.82
C GLY B 73 -2.95 6.84 30.72
N VAL B 74 -2.74 5.54 30.62
CA VAL B 74 -3.40 4.70 29.61
C VAL B 74 -4.71 4.17 30.19
N ALA B 75 -5.79 4.34 29.45
CA ALA B 75 -7.11 3.90 29.89
C ALA B 75 -7.52 2.69 29.07
N ARG B 76 -7.81 1.58 29.75
CA ARG B 76 -8.08 0.30 29.08
C ARG B 76 -9.42 -0.26 29.54
N MET B 77 -9.73 -1.44 29.01
CA MET B 77 -10.89 -2.21 29.47
C MET B 77 -10.76 -2.38 30.98
N SER B 78 -11.91 -2.36 31.67
CA SER B 78 -11.91 -2.56 33.11
C SER B 78 -11.67 -4.03 33.47
N ASP B 79 -11.25 -4.26 34.72
CA ASP B 79 -11.04 -5.62 35.19
C ASP B 79 -12.34 -6.40 35.09
N PRO B 80 -12.32 -7.63 34.55
CA PRO B 80 -13.57 -8.40 34.43
C PRO B 80 -14.27 -8.59 35.75
N GLN B 81 -13.50 -8.65 36.83
CA GLN B 81 -14.08 -8.81 38.15
C GLN B 81 -15.01 -7.65 38.49
N MET B 82 -14.56 -6.41 38.26
CA MET B 82 -15.39 -5.28 38.62
C MET B 82 -16.62 -5.18 37.73
N ILE B 83 -16.50 -5.59 36.47
CA ILE B 83 -17.65 -5.62 35.58
C ILE B 83 -18.69 -6.62 36.08
N LYS B 84 -18.25 -7.83 36.43
CA LYS B 84 -19.15 -8.84 36.96
C LYS B 84 -19.89 -8.35 38.20
N GLU B 85 -19.18 -7.66 39.10
CA GLU B 85 -19.86 -7.15 40.30
C GLU B 85 -20.97 -6.17 39.90
N ILE B 86 -20.73 -5.36 38.87
CA ILE B 86 -21.78 -4.45 38.41
C ILE B 86 -22.95 -5.22 37.80
N LYS B 87 -22.67 -6.21 36.94
CA LYS B 87 -23.76 -6.94 36.30
C LYS B 87 -24.62 -7.68 37.32
N GLN B 88 -24.01 -8.19 38.38
CA GLN B 88 -24.77 -8.90 39.41
C GLN B 88 -25.57 -7.96 40.30
N ALA B 89 -25.28 -6.66 40.29
CA ALA B 89 -25.95 -5.75 41.21
C ALA B 89 -27.17 -5.07 40.61
N VAL B 90 -27.46 -5.27 39.33
CA VAL B 90 -28.57 -4.59 38.66
C VAL B 90 -29.24 -5.55 37.68
N THR B 91 -30.47 -5.20 37.30
CA THR B 91 -31.20 -5.97 36.30
C THR B 91 -31.27 -5.29 34.95
N ILE B 92 -31.01 -3.98 34.88
CA ILE B 92 -30.96 -3.28 33.59
C ILE B 92 -29.69 -3.71 32.85
N PRO B 93 -29.62 -3.49 31.53
CA PRO B 93 -28.43 -3.91 30.78
C PRO B 93 -27.15 -3.24 31.28
N VAL B 94 -26.05 -3.98 31.15
CA VAL B 94 -24.72 -3.51 31.53
C VAL B 94 -23.87 -3.41 30.27
N MET B 95 -23.24 -2.25 30.09
CA MET B 95 -22.31 -2.03 28.99
C MET B 95 -20.92 -1.85 29.56
N ALA B 96 -19.91 -2.07 28.71
CA ALA B 96 -18.53 -1.84 29.10
C ALA B 96 -17.75 -1.36 27.90
N LYS B 97 -16.66 -0.65 28.18
CA LYS B 97 -15.87 0.00 27.14
C LYS B 97 -14.67 -0.86 26.73
N ALA B 98 -14.40 -0.90 25.44
CA ALA B 98 -13.17 -1.47 24.91
C ALA B 98 -12.44 -0.37 24.15
N ARG B 99 -11.11 -0.45 24.10
CA ARG B 99 -10.36 0.53 23.34
C ARG B 99 -10.60 0.33 21.85
N ILE B 100 -10.58 1.44 21.12
CA ILE B 100 -10.81 1.39 19.68
C ILE B 100 -9.81 0.45 19.01
N GLY B 101 -10.33 -0.50 18.24
CA GLY B 101 -9.52 -1.48 17.56
C GLY B 101 -9.04 -2.63 18.41
N HIS B 102 -9.33 -2.64 19.72
CA HIS B 102 -8.82 -3.70 20.59
C HIS B 102 -9.86 -4.82 20.61
N PHE B 103 -9.85 -5.63 19.54
CA PHE B 103 -10.84 -6.69 19.42
C PHE B 103 -10.67 -7.79 20.47
N VAL B 104 -9.49 -7.92 21.09
CA VAL B 104 -9.39 -8.92 22.13
C VAL B 104 -10.08 -8.45 23.41
N GLU B 105 -9.93 -7.17 23.75
CA GLU B 105 -10.72 -6.64 24.87
C GLU B 105 -12.19 -6.91 24.65
N ALA B 106 -12.65 -6.74 23.41
CA ALA B 106 -14.05 -6.99 23.10
C ALA B 106 -14.40 -8.47 23.24
N GLN B 107 -13.48 -9.35 22.84
CA GLN B 107 -13.70 -10.79 23.01
C GLN B 107 -13.85 -11.14 24.47
N ILE B 108 -13.01 -10.56 25.33
CA ILE B 108 -13.11 -10.79 26.76
C ILE B 108 -14.44 -10.28 27.31
N LEU B 109 -14.80 -9.05 26.93
CA LEU B 109 -16.04 -8.44 27.39
C LEU B 109 -17.24 -9.32 27.05
N GLU B 110 -17.30 -9.80 25.80
CA GLU B 110 -18.40 -10.64 25.39
C GLU B 110 -18.41 -11.96 26.16
N ALA B 111 -17.23 -12.51 26.46
CA ALA B 111 -17.16 -13.74 27.23
C ALA B 111 -17.58 -13.55 28.68
N ILE B 112 -17.57 -12.31 29.18
CA ILE B 112 -18.09 -12.02 30.51
C ILE B 112 -19.62 -12.12 30.52
N GLY B 113 -20.26 -11.91 29.38
CA GLY B 113 -21.71 -11.95 29.33
C GLY B 113 -22.41 -10.64 29.60
N ILE B 114 -21.82 -9.51 29.20
CA ILE B 114 -22.51 -8.24 29.33
C ILE B 114 -23.38 -8.03 28.10
N ASP B 115 -24.15 -6.95 28.09
CA ASP B 115 -25.15 -6.76 27.06
C ASP B 115 -24.67 -5.91 25.90
N TYR B 116 -23.75 -4.98 26.12
CA TYR B 116 -23.23 -4.14 25.05
C TYR B 116 -21.75 -3.89 25.25
N ILE B 117 -21.03 -3.74 24.14
CA ILE B 117 -19.65 -3.26 24.16
C ILE B 117 -19.64 -1.88 23.53
N ASP B 118 -19.03 -0.94 24.23
CA ASP B 118 -18.89 0.42 23.75
C ASP B 118 -17.45 0.58 23.27
N GLU B 119 -17.25 0.64 21.95
CA GLU B 119 -15.92 0.86 21.41
C GLU B 119 -15.65 2.36 21.49
N SER B 120 -14.84 2.76 22.47
CA SER B 120 -14.89 4.12 22.99
C SER B 120 -13.60 4.91 22.78
N GLU B 121 -13.77 6.14 22.33
CA GLU B 121 -12.70 7.11 22.16
C GLU B 121 -12.18 7.64 23.49
N VAL B 122 -12.91 7.47 24.58
CA VAL B 122 -12.40 8.00 25.86
C VAL B 122 -11.32 7.11 26.46
N LEU B 123 -11.32 5.82 26.14
CA LEU B 123 -10.14 5.01 26.45
C LEU B 123 -9.04 5.32 25.44
N THR B 124 -7.81 4.88 25.76
CA THR B 124 -6.68 5.15 24.88
C THR B 124 -6.80 4.32 23.60
N LEU B 125 -6.68 4.97 22.45
N LEU B 125 -6.67 4.98 22.46
CA LEU B 125 -6.77 4.24 21.19
CA LEU B 125 -6.71 4.26 21.17
C LEU B 125 -5.74 3.12 21.14
C LEU B 125 -5.72 3.10 21.19
N ALA B 126 -6.19 1.92 20.78
CA ALA B 126 -5.31 0.80 20.55
C ALA B 126 -4.88 0.65 19.09
N ASP B 127 -5.71 1.12 18.14
CA ASP B 127 -5.45 0.98 16.71
C ASP B 127 -5.87 2.27 16.05
N GLU B 128 -4.91 3.03 15.54
CA GLU B 128 -5.23 4.35 15.01
C GLU B 128 -5.85 4.27 13.61
N ASP B 129 -5.72 3.15 12.92
CA ASP B 129 -6.17 3.05 11.54
C ASP B 129 -7.43 2.21 11.34
N HIS B 130 -7.80 1.35 12.30
CA HIS B 130 -8.88 0.40 12.09
C HIS B 130 -9.70 0.26 13.37
N HIS B 131 -11.02 0.18 13.21
CA HIS B 131 -11.89 -0.17 14.34
C HIS B 131 -12.08 -1.70 14.43
N ILE B 132 -12.67 -2.14 15.54
CA ILE B 132 -13.05 -3.54 15.67
C ILE B 132 -14.04 -3.92 14.58
N ASN B 133 -13.85 -5.11 13.99
CA ASN B 133 -14.82 -5.70 13.07
C ASN B 133 -15.94 -6.27 13.93
N LYS B 134 -16.99 -5.47 14.12
CA LYS B 134 -18.02 -5.77 15.11
C LYS B 134 -18.96 -6.87 14.65
N HIS B 135 -19.02 -7.13 13.34
CA HIS B 135 -19.80 -8.25 12.83
C HIS B 135 -19.33 -9.59 13.38
N ASN B 136 -18.06 -9.70 13.79
CA ASN B 136 -17.55 -10.96 14.32
C ASN B 136 -18.07 -11.27 15.72
N PHE B 137 -18.96 -10.47 16.27
CA PHE B 137 -19.41 -10.63 17.63
C PHE B 137 -20.92 -10.84 17.63
N ARG B 138 -21.41 -11.55 18.64
CA ARG B 138 -22.84 -11.76 18.76
C ARG B 138 -23.54 -10.65 19.54
N ILE B 139 -22.82 -9.92 20.41
CA ILE B 139 -23.50 -8.90 21.20
C ILE B 139 -23.36 -7.54 20.53
N PRO B 140 -24.31 -6.63 20.74
CA PRO B 140 -24.29 -5.36 20.00
C PRO B 140 -23.24 -4.40 20.53
N PHE B 141 -22.75 -3.57 19.62
CA PHE B 141 -21.75 -2.57 19.91
C PHE B 141 -22.33 -1.17 19.81
N VAL B 142 -21.82 -0.29 20.66
CA VAL B 142 -21.96 1.15 20.52
C VAL B 142 -20.64 1.71 20.03
N CYS B 143 -20.71 2.63 19.06
CA CYS B 143 -19.55 3.40 18.61
C CYS B 143 -19.88 4.88 18.64
N GLY B 144 -18.82 5.70 18.74
CA GLY B 144 -19.00 7.14 18.67
C GLY B 144 -18.87 7.68 17.25
N CYS B 145 -19.32 8.93 17.09
CA CYS B 145 -19.11 9.64 15.83
C CYS B 145 -19.16 11.13 16.12
N ARG B 146 -18.67 11.91 15.16
CA ARG B 146 -18.80 13.36 15.19
C ARG B 146 -19.43 13.89 13.91
N ASN B 147 -19.73 13.03 12.95
CA ASN B 147 -20.35 13.45 11.71
C ASN B 147 -20.98 12.23 11.06
N LEU B 148 -21.82 12.47 10.04
CA LEU B 148 -22.60 11.39 9.45
C LEU B 148 -21.71 10.36 8.76
N GLY B 149 -20.60 10.79 8.16
CA GLY B 149 -19.70 9.83 7.53
C GLY B 149 -19.15 8.83 8.52
N GLU B 150 -18.62 9.33 9.64
CA GLU B 150 -18.14 8.45 10.71
C GLU B 150 -19.22 7.51 11.19
N ALA B 151 -20.44 8.03 11.41
CA ALA B 151 -21.52 7.19 11.90
C ALA B 151 -21.79 6.03 10.95
N LEU B 152 -21.88 6.33 9.65
CA LEU B 152 -22.18 5.27 8.69
C LEU B 152 -21.03 4.28 8.58
N ARG B 153 -19.77 4.75 8.71
CA ARG B 153 -18.64 3.83 8.69
C ARG B 153 -18.69 2.88 9.87
N ARG B 154 -18.92 3.41 11.07
CA ARG B 154 -19.04 2.55 12.25
C ARG B 154 -20.18 1.55 12.06
N ILE B 155 -21.32 2.00 11.52
CA ILE B 155 -22.44 1.09 11.29
C ILE B 155 -22.05 -0.03 10.34
N ARG B 156 -21.36 0.31 9.24
CA ARG B 156 -20.97 -0.71 8.29
C ARG B 156 -20.04 -1.75 8.93
N GLU B 157 -19.16 -1.30 9.82
CA GLU B 157 -18.30 -2.22 10.57
C GLU B 157 -19.09 -3.08 11.55
N GLY B 158 -20.34 -2.74 11.84
CA GLY B 158 -21.18 -3.56 12.70
C GLY B 158 -21.75 -2.88 13.93
N ALA B 159 -21.52 -1.58 14.17
CA ALA B 159 -22.10 -0.95 15.35
C ALA B 159 -23.62 -0.98 15.28
N ALA B 160 -24.26 -1.35 16.39
CA ALA B 160 -25.71 -1.41 16.45
C ALA B 160 -26.31 -0.13 17.02
N MET B 161 -25.48 0.79 17.47
CA MET B 161 -25.92 2.00 18.14
C MET B 161 -24.79 3.01 18.02
N ILE B 162 -25.15 4.29 17.96
CA ILE B 162 -24.17 5.35 17.73
C ILE B 162 -24.30 6.38 18.84
N ARG B 163 -23.16 6.77 19.43
CA ARG B 163 -23.05 7.93 20.30
C ARG B 163 -22.55 9.10 19.43
N THR B 164 -23.32 10.17 19.37
CA THR B 164 -22.83 11.40 18.76
C THR B 164 -22.14 12.22 19.84
N LYS B 165 -20.84 12.46 19.67
CA LYS B 165 -19.97 12.87 20.78
C LYS B 165 -19.82 14.37 20.89
N GLY B 166 -19.84 14.85 22.12
CA GLY B 166 -19.26 16.13 22.48
C GLY B 166 -17.87 15.96 23.07
N GLU B 167 -17.53 16.85 23.99
N GLU B 167 -17.56 16.78 24.08
CA GLU B 167 -16.31 16.76 24.78
CA GLU B 167 -16.25 16.73 24.73
C GLU B 167 -16.63 15.93 26.01
C GLU B 167 -16.41 16.05 26.09
N ALA B 168 -15.91 14.82 26.17
CA ALA B 168 -16.15 13.99 27.35
C ALA B 168 -15.41 14.56 28.56
N GLY B 169 -16.10 14.58 29.69
CA GLY B 169 -15.50 15.00 30.95
C GLY B 169 -15.37 16.50 31.15
N THR B 170 -15.92 17.32 30.26
CA THR B 170 -15.78 18.78 30.41
C THR B 170 -17.02 19.45 30.99
N GLY B 171 -18.17 18.79 31.00
CA GLY B 171 -19.39 19.49 31.41
C GLY B 171 -19.85 20.54 30.42
N ASN B 172 -19.29 20.57 29.23
CA ASN B 172 -19.54 21.61 28.25
C ASN B 172 -20.28 20.98 27.08
N ILE B 173 -21.48 21.50 26.79
CA ILE B 173 -22.37 20.88 25.81
C ILE B 173 -22.05 21.29 24.38
N ILE B 174 -21.13 22.23 24.18
CA ILE B 174 -21.02 22.90 22.88
C ILE B 174 -20.67 21.91 21.76
N GLU B 175 -19.74 20.98 22.01
CA GLU B 175 -19.35 20.08 20.93
C GLU B 175 -20.45 19.06 20.63
N ALA B 176 -21.19 18.62 21.64
CA ALA B 176 -22.30 17.70 21.40
C ALA B 176 -23.38 18.38 20.57
N VAL B 177 -23.67 19.65 20.87
CA VAL B 177 -24.61 20.40 20.04
C VAL B 177 -24.10 20.49 18.61
N ARG B 178 -22.81 20.83 18.45
CA ARG B 178 -22.22 20.95 17.12
C ARG B 178 -22.34 19.63 16.34
N HIS B 179 -21.95 18.53 16.97
CA HIS B 179 -21.97 17.25 16.27
C HIS B 179 -23.38 16.68 16.09
N VAL B 180 -24.29 16.89 17.05
CA VAL B 180 -25.68 16.47 16.83
C VAL B 180 -26.30 17.26 15.69
N ARG B 181 -26.08 18.58 15.67
CA ARG B 181 -26.57 19.39 14.54
C ARG B 181 -25.93 18.97 13.22
N SER B 182 -24.64 18.62 13.24
CA SER B 182 -23.97 18.21 12.01
C SER B 182 -24.54 16.89 11.49
N VAL B 183 -24.64 15.88 12.36
CA VAL B 183 -25.18 14.59 11.91
C VAL B 183 -26.61 14.74 11.43
N ASN B 184 -27.45 15.40 12.24
CA ASN B 184 -28.85 15.50 11.90
C ASN B 184 -29.07 16.45 10.73
N GLY B 185 -28.23 17.47 10.60
CA GLY B 185 -28.33 18.36 9.45
C GLY B 185 -28.01 17.65 8.14
N ASP B 186 -26.96 16.80 8.14
CA ASP B 186 -26.64 16.07 6.92
C ASP B 186 -27.70 15.05 6.56
N ILE B 187 -28.36 14.45 7.56
CA ILE B 187 -29.49 13.56 7.28
C ILE B 187 -30.62 14.33 6.60
N ARG B 188 -30.93 15.54 7.08
CA ARG B 188 -32.00 16.32 6.47
C ARG B 188 -31.64 16.72 5.04
N VAL B 189 -30.37 17.06 4.80
CA VAL B 189 -29.91 17.38 3.44
C VAL B 189 -30.14 16.19 2.51
N LEU B 190 -29.87 14.99 3.01
CA LEU B 190 -30.04 13.78 2.22
C LEU B 190 -31.48 13.56 1.78
N ARG B 191 -32.45 14.00 2.57
N ARG B 191 -32.44 13.99 2.60
CA ARG B 191 -33.83 13.58 2.33
CA ARG B 191 -33.84 13.65 2.37
C ARG B 191 -34.40 14.16 1.03
C ARG B 191 -34.33 14.15 1.01
N ASN B 192 -34.16 15.44 0.74
CA ASN B 192 -34.61 16.03 -0.52
C ASN B 192 -33.55 15.99 -1.61
N MET B 193 -32.41 15.36 -1.36
CA MET B 193 -31.34 15.39 -2.35
C MET B 193 -31.74 14.64 -3.62
N ASP B 194 -31.47 15.27 -4.77
CA ASP B 194 -31.49 14.57 -6.06
C ASP B 194 -30.79 13.22 -5.96
N ASP B 195 -31.52 12.14 -6.27
CA ASP B 195 -30.94 10.78 -6.21
C ASP B 195 -29.62 10.70 -6.95
N ASP B 196 -29.52 11.40 -8.09
CA ASP B 196 -28.33 11.32 -8.92
C ASP B 196 -27.10 11.91 -8.22
N GLU B 197 -27.29 12.82 -7.27
CA GLU B 197 -26.19 13.45 -6.56
C GLU B 197 -25.74 12.65 -5.35
N VAL B 198 -26.49 11.60 -4.98
CA VAL B 198 -26.15 10.85 -3.78
C VAL B 198 -24.82 10.09 -3.92
N PHE B 199 -24.46 9.66 -5.13
CA PHE B 199 -23.19 8.93 -5.31
C PHE B 199 -22.02 9.80 -4.90
N THR B 200 -22.00 11.04 -5.38
CA THR B 200 -20.94 11.97 -4.99
C THR B 200 -21.01 12.29 -3.50
N PHE B 201 -22.23 12.46 -2.95
CA PHE B 201 -22.37 12.69 -1.52
C PHE B 201 -21.72 11.56 -0.72
N ALA B 202 -21.97 10.30 -1.12
CA ALA B 202 -21.38 9.16 -0.44
C ALA B 202 -19.86 9.21 -0.52
N LYS B 203 -19.33 9.57 -1.69
CA LYS B 203 -17.89 9.75 -1.84
C LYS B 203 -17.37 10.84 -0.92
N LYS B 204 -18.03 12.01 -0.88
CA LYS B 204 -17.57 13.09 -0.01
C LYS B 204 -17.64 12.69 1.45
N LEU B 205 -18.61 11.88 1.83
CA LEU B 205 -18.71 11.40 3.20
C LEU B 205 -17.73 10.28 3.51
N ALA B 206 -17.08 9.71 2.50
CA ALA B 206 -16.34 8.45 2.62
C ALA B 206 -17.17 7.39 3.36
N ALA B 207 -18.43 7.28 2.96
CA ALA B 207 -19.39 6.40 3.61
C ALA B 207 -19.97 5.43 2.57
N PRO B 208 -20.32 4.21 2.98
CA PRO B 208 -20.89 3.25 2.02
C PRO B 208 -22.20 3.77 1.43
N TYR B 209 -22.30 3.67 0.10
CA TYR B 209 -23.43 4.23 -0.62
C TYR B 209 -24.75 3.61 -0.20
N ASP B 210 -24.77 2.28 0.01
CA ASP B 210 -26.00 1.61 0.41
C ASP B 210 -26.53 2.16 1.74
N LEU B 211 -25.64 2.49 2.68
CA LEU B 211 -26.09 3.01 3.96
C LEU B 211 -26.51 4.46 3.86
N VAL B 212 -25.87 5.23 2.98
CA VAL B 212 -26.35 6.59 2.70
C VAL B 212 -27.77 6.54 2.14
N MET B 213 -28.05 5.61 1.24
CA MET B 213 -29.38 5.51 0.67
C MET B 213 -30.39 5.05 1.72
N GLN B 214 -29.99 4.15 2.61
CA GLN B 214 -30.89 3.73 3.67
C GLN B 214 -31.22 4.89 4.60
N THR B 215 -30.22 5.70 4.96
CA THR B 215 -30.47 6.90 5.75
C THR B 215 -31.40 7.85 5.01
N LYS B 216 -31.21 8.00 3.71
CA LYS B 216 -32.11 8.82 2.90
C LYS B 216 -33.53 8.29 2.97
N GLN B 217 -33.71 6.98 2.80
CA GLN B 217 -35.07 6.41 2.81
C GLN B 217 -35.71 6.51 4.19
N LEU B 218 -34.93 6.34 5.25
CA LEU B 218 -35.46 6.38 6.60
C LEU B 218 -35.69 7.81 7.11
N GLY B 219 -34.95 8.79 6.61
CA GLY B 219 -35.03 10.11 7.19
C GLY B 219 -34.44 10.22 8.57
N ARG B 220 -33.68 9.21 9.00
CA ARG B 220 -32.98 9.22 10.27
C ARG B 220 -31.84 8.21 10.17
N LEU B 221 -31.01 8.20 11.20
CA LEU B 221 -29.90 7.26 11.24
C LEU B 221 -30.45 5.83 11.25
N PRO B 222 -29.79 4.89 10.59
CA PRO B 222 -30.31 3.51 10.57
C PRO B 222 -30.24 2.80 11.93
N VAL B 223 -29.60 3.39 12.94
CA VAL B 223 -29.54 2.79 14.27
C VAL B 223 -29.86 3.88 15.30
N VAL B 224 -30.10 3.43 16.53
CA VAL B 224 -30.30 4.35 17.65
C VAL B 224 -29.13 5.32 17.81
N GLN B 225 -29.44 6.60 18.02
CA GLN B 225 -28.46 7.68 18.12
C GLN B 225 -28.62 8.37 19.48
N PHE B 226 -27.63 8.22 20.34
CA PHE B 226 -27.62 8.92 21.62
C PHE B 226 -26.61 10.05 21.56
N ALA B 227 -26.80 11.04 22.44
CA ALA B 227 -25.78 12.05 22.68
C ALA B 227 -24.91 11.65 23.87
N ALA B 228 -23.64 12.02 23.81
CA ALA B 228 -22.67 11.61 24.83
C ALA B 228 -21.56 12.62 24.86
N GLY B 229 -21.30 13.18 26.03
CA GLY B 229 -20.17 14.07 26.17
C GLY B 229 -20.60 15.45 26.59
N GLY B 230 -20.40 15.77 27.87
CA GLY B 230 -20.64 17.11 28.35
C GLY B 230 -22.04 17.36 28.87
N VAL B 231 -22.94 16.38 28.81
CA VAL B 231 -24.30 16.55 29.34
C VAL B 231 -24.23 16.70 30.86
N ALA B 232 -24.41 17.92 31.35
CA ALA B 232 -24.20 18.22 32.76
C ALA B 232 -25.48 18.51 33.54
N THR B 233 -26.52 19.03 32.91
CA THR B 233 -27.71 19.47 33.62
C THR B 233 -28.96 18.86 32.98
N PRO B 234 -30.08 18.84 33.72
CA PRO B 234 -31.35 18.45 33.08
C PRO B 234 -31.62 19.21 31.80
N ALA B 235 -31.33 20.51 31.75
CA ALA B 235 -31.55 21.28 30.53
C ALA B 235 -30.69 20.79 29.38
N ASP B 236 -29.42 20.46 29.67
CA ASP B 236 -28.56 19.86 28.64
C ASP B 236 -29.18 18.59 28.09
N ALA B 237 -29.67 17.72 28.98
CA ALA B 237 -30.21 16.44 28.54
C ALA B 237 -31.44 16.64 27.68
N ALA B 238 -32.35 17.52 28.11
CA ALA B 238 -33.55 17.80 27.32
C ALA B 238 -33.22 18.51 26.02
N LEU B 239 -32.17 19.34 26.00
CA LEU B 239 -31.72 19.95 24.74
C LEU B 239 -31.34 18.88 23.72
N MET B 240 -30.60 17.85 24.15
CA MET B 240 -30.21 16.79 23.23
C MET B 240 -31.43 16.07 22.65
N MET B 241 -32.43 15.80 23.50
CA MET B 241 -33.65 15.15 23.02
C MET B 241 -34.43 16.06 22.07
N GLN B 242 -34.51 17.35 22.39
CA GLN B 242 -35.22 18.28 21.51
C GLN B 242 -34.51 18.45 20.17
N LEU B 243 -33.19 18.26 20.14
CA LEU B 243 -32.44 18.30 18.89
C LEU B 243 -32.54 17.01 18.08
N GLY B 244 -33.20 15.98 18.59
CA GLY B 244 -33.46 14.78 17.83
C GLY B 244 -32.71 13.53 18.27
N CYS B 245 -32.04 13.53 19.41
CA CYS B 245 -31.42 12.31 19.90
C CYS B 245 -32.46 11.33 20.44
N ASP B 246 -32.05 10.07 20.56
CA ASP B 246 -32.93 9.04 21.11
C ASP B 246 -32.69 8.80 22.60
N GLY B 247 -31.68 9.44 23.17
CA GLY B 247 -31.26 9.17 24.54
C GLY B 247 -29.92 9.84 24.78
N VAL B 248 -29.45 9.74 26.01
CA VAL B 248 -28.18 10.37 26.37
C VAL B 248 -27.34 9.43 27.24
N PHE B 249 -26.03 9.49 27.04
CA PHE B 249 -25.07 8.99 28.00
C PHE B 249 -24.65 10.14 28.90
N VAL B 250 -24.49 9.84 30.18
CA VAL B 250 -23.95 10.79 31.16
C VAL B 250 -22.90 10.04 31.97
N GLY B 251 -21.74 10.65 32.15
CA GLY B 251 -20.75 10.00 32.99
C GLY B 251 -20.41 10.88 34.16
N SER B 252 -19.73 11.97 33.85
CA SER B 252 -19.19 12.85 34.88
C SER B 252 -20.26 13.70 35.52
N GLY B 253 -21.27 14.13 34.73
CA GLY B 253 -22.25 15.09 35.20
C GLY B 253 -23.02 14.66 36.43
N ILE B 254 -23.10 13.36 36.69
CA ILE B 254 -23.88 12.84 37.82
C ILE B 254 -23.00 12.65 39.05
N PHE B 255 -21.98 11.82 38.94
CA PHE B 255 -21.26 11.39 40.13
C PHE B 255 -20.15 12.36 40.56
N LYS B 256 -19.66 13.20 39.65
CA LYS B 256 -18.77 14.30 40.00
C LYS B 256 -19.52 15.56 40.42
N SER B 257 -20.84 15.47 40.62
CA SER B 257 -21.65 16.57 41.11
C SER B 257 -21.94 16.38 42.60
N GLY B 258 -22.62 17.38 43.18
CA GLY B 258 -22.95 17.38 44.59
C GLY B 258 -23.84 16.24 45.06
N ASP B 259 -25.04 16.12 44.49
CA ASP B 259 -25.98 15.06 44.83
C ASP B 259 -26.23 14.20 43.59
N PRO B 260 -25.44 13.13 43.39
CA PRO B 260 -25.63 12.28 42.20
C PRO B 260 -26.99 11.61 42.10
N ALA B 261 -27.50 11.04 43.21
CA ALA B 261 -28.77 10.34 43.16
C ALA B 261 -29.91 11.28 42.77
N ARG B 262 -29.92 12.49 43.33
CA ARG B 262 -30.92 13.46 42.92
C ARG B 262 -30.72 13.87 41.47
N ARG B 263 -29.48 14.13 41.09
CA ARG B 263 -29.19 14.59 39.74
C ARG B 263 -29.45 13.48 38.72
N ALA B 264 -29.21 12.23 39.10
CA ALA B 264 -29.49 11.11 38.22
C ALA B 264 -30.98 11.06 37.88
N ARG B 265 -31.84 11.08 38.90
CA ARG B 265 -33.28 11.11 38.66
C ARG B 265 -33.67 12.33 37.84
N ALA B 266 -33.11 13.50 38.21
CA ALA B 266 -33.44 14.73 37.50
C ALA B 266 -33.15 14.60 36.01
N ILE B 267 -32.03 13.99 35.65
CA ILE B 267 -31.66 13.85 34.24
C ILE B 267 -32.54 12.81 33.55
N VAL B 268 -32.82 11.70 34.22
CA VAL B 268 -33.74 10.70 33.70
C VAL B 268 -35.10 11.34 33.41
N GLN B 269 -35.61 12.12 34.36
CA GLN B 269 -36.90 12.79 34.17
C GLN B 269 -36.85 13.77 33.00
N ALA B 270 -35.76 14.52 32.88
CA ALA B 270 -35.62 15.49 31.80
C ALA B 270 -35.64 14.80 30.44
N VAL B 271 -35.09 13.60 30.33
CA VAL B 271 -35.10 12.92 29.04
C VAL B 271 -36.47 12.35 28.73
N THR B 272 -37.14 11.81 29.75
CA THR B 272 -38.50 11.29 29.58
C THR B 272 -39.49 12.39 29.28
N HIS B 273 -39.31 13.58 29.88
CA HIS B 273 -40.29 14.65 29.74
C HIS B 273 -39.67 15.89 29.11
N TYR B 274 -38.89 15.69 28.04
CA TYR B 274 -38.04 16.75 27.50
C TYR B 274 -38.81 17.93 26.92
N SER B 275 -40.09 17.77 26.62
CA SER B 275 -40.89 18.86 26.09
C SER B 275 -41.79 19.50 27.13
N ASP B 276 -41.57 19.21 28.42
CA ASP B 276 -42.40 19.71 29.51
C ASP B 276 -41.60 20.70 30.33
N PRO B 277 -41.61 21.99 29.99
CA PRO B 277 -40.80 22.96 30.73
C PRO B 277 -41.13 22.99 32.22
N GLU B 278 -42.39 22.68 32.56
CA GLU B 278 -42.77 22.61 33.97
C GLU B 278 -41.98 21.51 34.68
N MET B 279 -41.93 20.32 34.09
CA MET B 279 -41.13 19.24 34.63
C MET B 279 -39.66 19.63 34.71
N LEU B 280 -39.14 20.27 33.66
CA LEU B 280 -37.74 20.69 33.65
C LEU B 280 -37.43 21.64 34.81
N VAL B 281 -38.35 22.57 35.12
CA VAL B 281 -38.15 23.47 36.25
C VAL B 281 -38.09 22.68 37.54
N GLU B 282 -39.07 21.80 37.76
CA GLU B 282 -39.19 21.09 39.01
C GLU B 282 -37.93 20.27 39.31
N VAL B 283 -37.40 19.57 38.30
CA VAL B 283 -36.23 18.74 38.56
C VAL B 283 -34.94 19.58 38.63
N SER B 284 -34.94 20.78 38.07
CA SER B 284 -33.77 21.64 38.15
C SER B 284 -33.74 22.49 39.41
N CYS B 285 -34.89 22.71 40.04
CA CYS B 285 -34.97 23.61 41.17
C CYS B 285 -34.22 23.03 42.36
N GLY B 286 -33.26 23.79 42.88
CA GLY B 286 -32.55 23.39 44.08
C GLY B 286 -31.72 22.14 43.91
N LEU B 287 -31.21 21.92 42.69
CA LEU B 287 -30.56 20.66 42.37
C LEU B 287 -29.14 20.58 42.89
N GLY B 288 -28.54 21.71 43.23
CA GLY B 288 -27.21 21.71 43.77
C GLY B 288 -26.18 22.01 42.70
N GLU B 289 -24.93 21.72 43.04
CA GLU B 289 -23.79 22.07 42.18
C GLU B 289 -23.63 21.01 41.10
N ALA B 290 -23.63 21.45 39.84
CA ALA B 290 -23.20 20.60 38.75
C ALA B 290 -21.70 20.35 38.84
N MET B 291 -21.20 19.47 37.97
CA MET B 291 -19.79 19.09 37.99
C MET B 291 -18.85 20.26 37.74
N SER C 21 -30.77 -10.02 -12.19
CA SER C 21 -30.89 -8.57 -12.02
C SER C 21 -30.54 -7.85 -13.32
N PRO C 22 -31.20 -6.72 -13.58
CA PRO C 22 -30.88 -5.95 -14.79
C PRO C 22 -29.43 -5.57 -14.92
N PHE C 23 -28.77 -5.24 -13.80
CA PHE C 23 -27.35 -4.89 -13.90
C PHE C 23 -26.51 -6.08 -14.30
N SER C 24 -26.75 -7.25 -13.71
CA SER C 24 -25.95 -8.42 -14.03
C SER C 24 -26.10 -8.83 -15.49
N VAL C 25 -27.26 -8.53 -16.09
CA VAL C 25 -27.46 -8.83 -17.51
C VAL C 25 -26.63 -7.90 -18.38
N LYS C 26 -26.61 -6.60 -18.04
CA LYS C 26 -25.76 -5.65 -18.74
C LYS C 26 -24.28 -6.03 -18.60
N VAL C 27 -23.89 -6.48 -17.40
CA VAL C 27 -22.52 -6.92 -17.19
C VAL C 27 -22.21 -8.12 -18.06
N GLY C 28 -23.19 -9.01 -18.24
CA GLY C 28 -23.00 -10.15 -19.12
C GLY C 28 -22.90 -9.77 -20.58
N LEU C 29 -23.60 -8.73 -21.01
CA LEU C 29 -23.46 -8.29 -22.39
C LEU C 29 -22.04 -7.84 -22.66
N ALA C 30 -21.49 -6.96 -21.81
CA ALA C 30 -20.12 -6.49 -22.01
C ALA C 30 -19.11 -7.62 -21.94
N GLN C 31 -19.40 -8.66 -21.13
CA GLN C 31 -18.49 -9.80 -21.04
C GLN C 31 -18.29 -10.47 -22.39
N MET C 32 -19.24 -10.32 -23.31
CA MET C 32 -19.10 -10.90 -24.64
C MET C 32 -18.03 -10.21 -25.46
N LEU C 33 -17.57 -9.03 -25.04
CA LEU C 33 -16.51 -8.34 -25.77
C LEU C 33 -15.11 -8.79 -25.36
N ARG C 34 -14.99 -9.59 -24.28
CA ARG C 34 -13.68 -10.04 -23.79
C ARG C 34 -12.79 -10.48 -24.95
N GLY C 35 -11.52 -10.13 -24.87
CA GLY C 35 -10.58 -10.50 -25.91
C GLY C 35 -10.71 -9.71 -27.18
N GLY C 36 -11.50 -8.63 -27.20
CA GLY C 36 -11.75 -7.88 -28.40
C GLY C 36 -11.07 -6.50 -28.43
N VAL C 37 -11.11 -5.91 -29.62
CA VAL C 37 -10.63 -4.56 -29.87
C VAL C 37 -11.81 -3.71 -30.33
N ILE C 38 -12.01 -2.56 -29.69
CA ILE C 38 -13.06 -1.61 -30.05
C ILE C 38 -12.39 -0.43 -30.74
N MET C 39 -12.89 -0.06 -31.91
CA MET C 39 -12.24 0.90 -32.78
C MET C 39 -13.12 2.14 -32.95
N ASP C 40 -12.52 3.32 -32.84
CA ASP C 40 -13.22 4.57 -33.15
C ASP C 40 -13.38 4.70 -34.66
N VAL C 41 -14.59 5.04 -35.11
CA VAL C 41 -14.85 5.22 -36.53
C VAL C 41 -15.60 6.53 -36.74
N VAL C 42 -15.38 7.16 -37.89
CA VAL C 42 -15.99 8.46 -38.18
C VAL C 42 -16.96 8.43 -39.35
N ASN C 43 -17.09 7.31 -40.04
CA ASN C 43 -18.04 7.16 -41.13
C ASN C 43 -18.31 5.68 -41.33
N ALA C 44 -19.13 5.37 -42.33
CA ALA C 44 -19.50 3.99 -42.59
C ALA C 44 -18.31 3.19 -43.12
N GLU C 45 -17.46 3.82 -43.94
CA GLU C 45 -16.35 3.10 -44.54
C GLU C 45 -15.36 2.63 -43.48
N GLN C 46 -14.99 3.53 -42.55
CA GLN C 46 -14.16 3.12 -41.42
C GLN C 46 -14.82 2.02 -40.61
N ALA C 47 -16.14 2.12 -40.42
CA ALA C 47 -16.88 1.08 -39.70
C ALA C 47 -16.70 -0.29 -40.35
N ARG C 48 -16.87 -0.36 -41.68
CA ARG C 48 -16.71 -1.63 -42.37
C ARG C 48 -15.28 -2.14 -42.25
N ILE C 49 -14.29 -1.24 -42.34
CA ILE C 49 -12.89 -1.64 -42.26
C ILE C 49 -12.59 -2.25 -40.89
N ALA C 50 -13.08 -1.58 -39.84
CA ALA C 50 -12.95 -2.13 -38.49
C ALA C 50 -13.61 -3.50 -38.39
N GLU C 51 -14.82 -3.63 -38.93
CA GLU C 51 -15.52 -4.91 -38.86
C GLU C 51 -14.78 -5.98 -39.65
N GLU C 52 -14.36 -5.64 -40.88
CA GLU C 52 -13.62 -6.59 -41.70
C GLU C 52 -12.31 -7.01 -41.07
N ALA C 53 -11.71 -6.12 -40.27
CA ALA C 53 -10.46 -6.42 -39.58
C ALA C 53 -10.68 -7.28 -38.33
N GLY C 54 -11.91 -7.44 -37.89
CA GLY C 54 -12.20 -8.23 -36.70
C GLY C 54 -12.44 -7.45 -35.43
N ALA C 55 -12.74 -6.16 -35.51
CA ALA C 55 -13.06 -5.41 -34.30
C ALA C 55 -14.29 -6.03 -33.64
N CYS C 56 -14.28 -6.12 -32.32
CA CYS C 56 -15.43 -6.64 -31.60
C CYS C 56 -16.58 -5.62 -31.55
N ALA C 57 -16.27 -4.33 -31.69
CA ALA C 57 -17.29 -3.29 -31.70
C ALA C 57 -16.67 -2.03 -32.28
N VAL C 58 -17.51 -1.09 -32.65
CA VAL C 58 -17.04 0.20 -33.15
C VAL C 58 -17.55 1.31 -32.24
N MET C 59 -16.78 2.39 -32.16
CA MET C 59 -17.13 3.57 -31.38
C MET C 59 -17.41 4.69 -32.36
N ALA C 60 -18.70 5.02 -32.52
CA ALA C 60 -19.13 6.05 -33.46
C ALA C 60 -18.83 7.44 -32.89
N LEU C 61 -18.13 8.28 -33.66
CA LEU C 61 -17.89 9.66 -33.25
C LEU C 61 -17.54 10.53 -34.45
N GLU C 62 -17.73 11.84 -34.28
CA GLU C 62 -17.46 12.81 -35.35
C GLU C 62 -15.98 13.18 -35.46
N ARG C 63 -15.23 13.25 -34.35
CA ARG C 63 -13.80 13.47 -34.41
C ARG C 63 -13.06 12.67 -33.34
N VAL C 64 -11.95 12.05 -33.74
CA VAL C 64 -11.17 11.14 -32.91
C VAL C 64 -10.44 11.88 -31.80
N PRO C 65 -9.94 11.19 -30.76
CA PRO C 65 -9.27 11.91 -29.65
C PRO C 65 -8.03 12.70 -30.05
N ALA C 66 -7.24 12.23 -31.03
CA ALA C 66 -6.10 13.03 -31.48
C ALA C 66 -6.54 14.35 -32.07
N ASP C 67 -7.69 14.38 -32.75
CA ASP C 67 -8.22 15.61 -33.34
C ASP C 67 -8.89 16.49 -32.30
N ILE C 68 -9.66 15.89 -31.39
CA ILE C 68 -10.24 16.65 -30.28
C ILE C 68 -9.15 17.40 -29.54
N ARG C 69 -7.99 16.74 -29.35
CA ARG C 69 -6.91 17.32 -28.57
C ARG C 69 -6.29 18.53 -29.28
N ALA C 70 -6.05 18.41 -30.58
CA ALA C 70 -5.32 19.45 -31.31
C ALA C 70 -6.23 20.60 -31.73
N GLN C 71 -7.52 20.35 -31.90
CA GLN C 71 -8.42 21.37 -32.42
C GLN C 71 -9.04 22.25 -31.35
N GLY C 72 -9.12 21.78 -30.10
CA GLY C 72 -9.82 22.57 -29.11
C GLY C 72 -11.32 22.48 -29.31
N GLY C 73 -12.02 23.54 -28.92
CA GLY C 73 -13.47 23.59 -29.04
C GLY C 73 -14.16 22.71 -28.00
N VAL C 74 -15.50 22.73 -28.04
CA VAL C 74 -16.34 21.87 -27.21
C VAL C 74 -16.68 20.62 -28.01
N ALA C 75 -16.50 19.45 -27.39
CA ALA C 75 -16.80 18.17 -28.05
C ALA C 75 -17.99 17.51 -27.36
N ARG C 76 -19.01 17.17 -28.15
CA ARG C 76 -20.27 16.68 -27.61
C ARG C 76 -20.65 15.34 -28.20
N MET C 77 -21.87 14.90 -27.89
CA MET C 77 -22.44 13.73 -28.53
C MET C 77 -22.50 13.98 -30.04
N SER C 78 -22.23 12.94 -30.81
CA SER C 78 -22.27 13.06 -32.26
C SER C 78 -23.72 13.15 -32.73
N ASP C 79 -23.88 13.65 -33.96
CA ASP C 79 -25.19 13.80 -34.56
C ASP C 79 -25.83 12.43 -34.69
N PRO C 80 -27.06 12.23 -34.21
CA PRO C 80 -27.73 10.93 -34.39
C PRO C 80 -27.72 10.42 -35.83
N GLN C 81 -27.75 11.32 -36.80
CA GLN C 81 -27.72 10.92 -38.21
C GLN C 81 -26.43 10.16 -38.53
N MET C 82 -25.28 10.64 -38.04
CA MET C 82 -24.06 9.92 -38.34
C MET C 82 -23.96 8.61 -37.57
N ILE C 83 -24.47 8.58 -36.33
CA ILE C 83 -24.46 7.34 -35.56
C ILE C 83 -25.33 6.28 -36.23
N LYS C 84 -26.50 6.68 -36.75
CA LYS C 84 -27.35 5.73 -37.45
C LYS C 84 -26.66 5.17 -38.69
N GLU C 85 -25.94 6.02 -39.43
CA GLU C 85 -25.25 5.56 -40.64
C GLU C 85 -24.24 4.47 -40.31
N ILE C 86 -23.57 4.59 -39.16
CA ILE C 86 -22.60 3.58 -38.75
C ILE C 86 -23.30 2.32 -38.23
N LYS C 87 -24.36 2.50 -37.44
CA LYS C 87 -25.11 1.38 -36.90
C LYS C 87 -25.63 0.46 -38.01
N GLN C 88 -26.03 1.04 -39.13
CA GLN C 88 -26.57 0.24 -40.22
C GLN C 88 -25.51 -0.26 -41.19
N ALA C 89 -24.29 0.24 -41.09
CA ALA C 89 -23.21 -0.19 -41.97
C ALA C 89 -22.49 -1.43 -41.47
N VAL C 90 -22.71 -1.84 -40.23
CA VAL C 90 -21.99 -2.95 -39.61
C VAL C 90 -22.98 -3.79 -38.82
N THR C 91 -22.51 -4.98 -38.41
CA THR C 91 -23.31 -5.90 -37.61
C THR C 91 -22.73 -6.19 -36.23
N ILE C 92 -21.52 -5.70 -35.94
CA ILE C 92 -20.95 -5.81 -34.60
C ILE C 92 -21.59 -4.72 -33.75
N PRO C 93 -21.54 -4.80 -32.41
CA PRO C 93 -22.17 -3.75 -31.59
C PRO C 93 -21.59 -2.37 -31.89
N VAL C 94 -22.43 -1.36 -31.69
CA VAL C 94 -22.06 0.04 -31.91
C VAL C 94 -22.17 0.80 -30.60
N MET C 95 -21.09 1.48 -30.24
CA MET C 95 -21.05 2.35 -29.09
C MET C 95 -20.99 3.80 -29.55
N ALA C 96 -21.33 4.70 -28.64
CA ALA C 96 -21.25 6.13 -28.90
C ALA C 96 -20.98 6.85 -27.58
N LYS C 97 -20.34 8.00 -27.67
CA LYS C 97 -19.91 8.73 -26.48
C LYS C 97 -20.92 9.79 -26.07
N ALA C 98 -21.09 9.93 -24.76
CA ALA C 98 -21.85 11.02 -24.17
C ALA C 98 -20.94 11.76 -23.21
N ARG C 99 -21.15 13.05 -23.07
CA ARG C 99 -20.37 13.82 -22.13
C ARG C 99 -20.70 13.37 -20.71
N ILE C 100 -19.67 13.41 -19.86
CA ILE C 100 -19.84 13.01 -18.46
C ILE C 100 -20.92 13.87 -17.81
N GLY C 101 -21.88 13.21 -17.16
CA GLY C 101 -22.96 13.90 -16.50
C GLY C 101 -24.09 14.34 -17.39
N HIS C 102 -23.96 14.20 -18.72
CA HIS C 102 -24.98 14.69 -19.65
C HIS C 102 -25.99 13.57 -19.89
N PHE C 103 -26.87 13.39 -18.91
CA PHE C 103 -27.84 12.31 -18.98
C PHE C 103 -28.86 12.47 -20.10
N VAL C 104 -29.03 13.69 -20.63
CA VAL C 104 -29.93 13.83 -21.77
C VAL C 104 -29.28 13.32 -23.05
N GLU C 105 -27.98 13.58 -23.24
CA GLU C 105 -27.29 12.99 -24.39
C GLU C 105 -27.41 11.46 -24.37
N ALA C 106 -27.27 10.85 -23.20
CA ALA C 106 -27.46 9.42 -23.07
C ALA C 106 -28.89 8.98 -23.38
N GLN C 107 -29.89 9.79 -23.05
CA GLN C 107 -31.26 9.43 -23.40
C GLN C 107 -31.44 9.39 -24.90
N ILE C 108 -30.82 10.34 -25.61
CA ILE C 108 -30.89 10.38 -27.06
C ILE C 108 -30.19 9.16 -27.66
N LEU C 109 -28.96 8.90 -27.21
CA LEU C 109 -28.21 7.75 -27.71
C LEU C 109 -28.98 6.45 -27.49
N GLU C 110 -29.59 6.28 -26.31
CA GLU C 110 -30.36 5.08 -26.05
C GLU C 110 -31.55 4.98 -27.01
N ALA C 111 -32.18 6.12 -27.33
CA ALA C 111 -33.32 6.13 -28.23
C ALA C 111 -32.93 5.79 -29.67
N ILE C 112 -31.66 5.98 -30.03
CA ILE C 112 -31.22 5.64 -31.39
C ILE C 112 -31.18 4.13 -31.57
N GLY C 113 -31.04 3.37 -30.49
CA GLY C 113 -30.87 1.94 -30.62
C GLY C 113 -29.43 1.47 -30.69
N ILE C 114 -28.49 2.23 -30.14
CA ILE C 114 -27.11 1.73 -30.12
C ILE C 114 -26.96 0.70 -29.01
N ASP C 115 -25.80 0.10 -28.90
CA ASP C 115 -25.60 -1.01 -27.99
C ASP C 115 -24.92 -0.61 -26.70
N TYR C 116 -24.09 0.43 -26.73
CA TYR C 116 -23.40 0.88 -25.54
C TYR C 116 -23.28 2.39 -25.57
N ILE C 117 -23.35 3.00 -24.39
CA ILE C 117 -23.02 4.41 -24.22
C ILE C 117 -21.70 4.47 -23.45
N ASP C 118 -20.77 5.24 -23.96
CA ASP C 118 -19.50 5.47 -23.29
C ASP C 118 -19.54 6.86 -22.67
N GLU C 119 -19.64 6.94 -21.35
CA GLU C 119 -19.59 8.22 -20.65
C GLU C 119 -18.13 8.60 -20.60
N SER C 120 -17.72 9.55 -21.44
CA SER C 120 -16.33 9.67 -21.86
C SER C 120 -15.69 10.98 -21.42
N GLU C 121 -14.51 10.85 -20.82
CA GLU C 121 -13.64 11.96 -20.45
C GLU C 121 -13.06 12.70 -21.66
N VAL C 122 -13.01 12.08 -22.84
CA VAL C 122 -12.44 12.80 -23.98
C VAL C 122 -13.41 13.84 -24.54
N LEU C 123 -14.71 13.70 -24.27
CA LEU C 123 -15.63 14.78 -24.58
C LEU C 123 -15.53 15.84 -23.50
N THR C 124 -16.04 17.03 -23.81
CA THR C 124 -16.03 18.10 -22.83
C THR C 124 -16.91 17.70 -21.66
N LEU C 125 -16.37 17.80 -20.45
N LEU C 125 -16.37 17.81 -20.44
CA LEU C 125 -17.16 17.49 -19.26
CA LEU C 125 -17.18 17.54 -19.26
C LEU C 125 -18.40 18.38 -19.21
C LEU C 125 -18.44 18.39 -19.29
N ALA C 126 -19.57 17.78 -18.97
CA ALA C 126 -20.82 18.53 -18.80
C ALA C 126 -21.17 18.79 -17.35
N ASP C 127 -20.80 17.86 -16.45
CA ASP C 127 -21.06 17.97 -15.02
C ASP C 127 -19.76 17.66 -14.29
N GLU C 128 -19.21 18.65 -13.58
CA GLU C 128 -17.91 18.45 -12.94
C GLU C 128 -18.02 17.64 -11.67
N ASP C 129 -19.21 17.54 -11.08
CA ASP C 129 -19.40 16.93 -9.79
C ASP C 129 -20.13 15.59 -9.82
N HIS C 130 -20.85 15.28 -10.89
CA HIS C 130 -21.72 14.11 -10.89
C HIS C 130 -21.63 13.44 -12.25
N HIS C 131 -21.57 12.10 -12.25
CA HIS C 131 -21.72 11.32 -13.47
C HIS C 131 -23.19 11.02 -13.74
N ILE C 132 -23.46 10.47 -14.93
CA ILE C 132 -24.80 10.01 -15.28
C ILE C 132 -25.21 8.87 -14.36
N ASN C 133 -26.46 8.90 -13.90
CA ASN C 133 -27.00 7.80 -13.10
C ASN C 133 -27.39 6.70 -14.07
N LYS C 134 -26.44 5.79 -14.30
CA LYS C 134 -26.56 4.81 -15.39
C LYS C 134 -27.57 3.70 -15.10
N HIS C 135 -27.95 3.51 -13.84
CA HIS C 135 -29.01 2.55 -13.53
C HIS C 135 -30.35 2.96 -14.10
N ASN C 136 -30.53 4.24 -14.46
CA ASN C 136 -31.78 4.69 -15.07
C ASN C 136 -31.90 4.31 -16.53
N PHE C 137 -30.95 3.58 -17.09
CA PHE C 137 -30.97 3.26 -18.51
C PHE C 137 -31.04 1.75 -18.70
N ARG C 138 -31.58 1.37 -19.85
CA ARG C 138 -31.66 -0.04 -20.24
C ARG C 138 -30.37 -0.53 -20.89
N ILE C 139 -29.67 0.31 -21.63
CA ILE C 139 -28.49 -0.20 -22.33
C ILE C 139 -27.22 -0.03 -21.48
N PRO C 140 -26.23 -0.91 -21.64
CA PRO C 140 -25.05 -0.83 -20.77
C PRO C 140 -24.16 0.36 -21.10
N PHE C 141 -23.48 0.84 -20.07
CA PHE C 141 -22.56 1.97 -20.17
C PHE C 141 -21.13 1.50 -19.96
N VAL C 142 -20.22 2.18 -20.65
CA VAL C 142 -18.78 2.12 -20.39
C VAL C 142 -18.39 3.43 -19.71
N CYS C 143 -17.53 3.34 -18.69
CA CYS C 143 -16.96 4.50 -18.03
C CYS C 143 -15.46 4.33 -17.91
N GLY C 144 -14.77 5.47 -17.78
CA GLY C 144 -13.33 5.45 -17.62
C GLY C 144 -12.90 5.48 -16.16
N CYS C 145 -11.64 5.11 -15.92
CA CYS C 145 -11.08 5.21 -14.57
C CYS C 145 -9.57 5.33 -14.67
N ARG C 146 -8.96 5.82 -13.61
CA ARG C 146 -7.52 5.83 -13.50
C ARG C 146 -7.03 5.09 -12.26
N ASN C 147 -7.93 4.63 -11.39
CA ASN C 147 -7.58 3.89 -10.19
C ASN C 147 -8.78 3.07 -9.77
N LEU C 148 -8.54 2.16 -8.83
CA LEU C 148 -9.60 1.24 -8.40
C LEU C 148 -10.78 1.96 -7.77
N GLY C 149 -10.52 3.03 -7.00
CA GLY C 149 -11.61 3.75 -6.38
C GLY C 149 -12.55 4.36 -7.40
N GLU C 150 -12.00 4.98 -8.44
CA GLU C 150 -12.81 5.54 -9.51
C GLU C 150 -13.61 4.45 -10.22
N ALA C 151 -12.98 3.31 -10.50
CA ALA C 151 -13.68 2.22 -11.19
C ALA C 151 -14.88 1.75 -10.39
N LEU C 152 -14.69 1.52 -9.08
CA LEU C 152 -15.80 1.05 -8.25
C LEU C 152 -16.90 2.09 -8.16
N ARG C 153 -16.55 3.39 -8.13
CA ARG C 153 -17.57 4.43 -8.07
C ARG C 153 -18.40 4.44 -9.34
N ARG C 154 -17.74 4.32 -10.50
CA ARG C 154 -18.46 4.25 -11.76
C ARG C 154 -19.37 3.02 -11.80
N ILE C 155 -18.86 1.88 -11.31
CA ILE C 155 -19.67 0.66 -11.31
C ILE C 155 -20.91 0.85 -10.45
N ARG C 156 -20.74 1.44 -9.25
CA ARG C 156 -21.88 1.66 -8.37
C ARG C 156 -22.92 2.57 -9.04
N GLU C 157 -22.47 3.54 -9.83
CA GLU C 157 -23.41 4.36 -10.59
C GLU C 157 -24.10 3.58 -11.71
N GLY C 158 -23.62 2.38 -12.04
CA GLY C 158 -24.26 1.55 -13.05
C GLY C 158 -23.41 1.22 -14.27
N ALA C 159 -22.15 1.61 -14.31
CA ALA C 159 -21.29 1.23 -15.43
C ALA C 159 -21.18 -0.29 -15.53
N ALA C 160 -21.43 -0.83 -16.73
CA ALA C 160 -21.32 -2.27 -17.00
C ALA C 160 -19.93 -2.69 -17.45
N MET C 161 -19.03 -1.74 -17.71
CA MET C 161 -17.74 -2.00 -18.30
C MET C 161 -16.85 -0.79 -18.00
N ILE C 162 -15.56 -1.04 -17.81
CA ILE C 162 -14.61 -0.01 -17.37
C ILE C 162 -13.49 0.11 -18.40
N ARG C 163 -13.22 1.34 -18.82
CA ARG C 163 -12.02 1.68 -19.57
C ARG C 163 -10.97 2.18 -18.59
N THR C 164 -9.83 1.49 -18.49
CA THR C 164 -8.72 2.02 -17.72
C THR C 164 -7.88 2.90 -18.65
N LYS C 165 -7.79 4.19 -18.32
CA LYS C 165 -7.35 5.23 -19.24
C LYS C 165 -5.85 5.54 -19.13
N GLY C 166 -5.24 5.75 -20.28
CA GLY C 166 -4.00 6.51 -20.42
C GLY C 166 -4.28 7.93 -20.90
N GLU C 167 -3.39 8.44 -21.75
CA GLU C 167 -3.56 9.75 -22.36
C GLU C 167 -4.15 9.51 -23.75
N ALA C 168 -5.41 9.91 -23.93
CA ALA C 168 -6.04 9.76 -25.23
C ALA C 168 -5.39 10.68 -26.25
N GLY C 169 -5.17 10.15 -27.45
CA GLY C 169 -4.67 10.93 -28.57
C GLY C 169 -3.17 11.11 -28.66
N THR C 170 -2.40 10.72 -27.65
CA THR C 170 -0.95 10.97 -27.65
C THR C 170 -0.13 9.86 -28.29
N GLY C 171 -0.71 8.67 -28.51
CA GLY C 171 0.07 7.54 -28.98
C GLY C 171 1.10 7.06 -27.96
N ASN C 172 0.97 7.47 -26.70
CA ASN C 172 1.95 7.20 -25.67
C ASN C 172 1.30 6.31 -24.62
N ILE C 173 1.86 5.12 -24.43
CA ILE C 173 1.24 4.09 -23.60
C ILE C 173 1.52 4.28 -22.11
N ILE C 174 2.37 5.24 -21.74
CA ILE C 174 2.91 5.29 -20.38
C ILE C 174 1.80 5.41 -19.33
N GLU C 175 0.80 6.28 -19.56
CA GLU C 175 -0.22 6.46 -18.54
C GLU C 175 -1.17 5.26 -18.48
N ALA C 176 -1.49 4.66 -19.63
CA ALA C 176 -2.26 3.42 -19.60
C ALA C 176 -1.56 2.36 -18.77
N VAL C 177 -0.24 2.21 -18.94
CA VAL C 177 0.50 1.26 -18.12
C VAL C 177 0.38 1.61 -16.65
N ARG C 178 0.59 2.90 -16.32
CA ARG C 178 0.48 3.34 -14.94
C ARG C 178 -0.88 3.00 -14.35
N HIS C 179 -1.94 3.31 -15.07
CA HIS C 179 -3.27 3.14 -14.48
C HIS C 179 -3.71 1.69 -14.44
N VAL C 180 -3.33 0.89 -15.46
CA VAL C 180 -3.61 -0.54 -15.43
C VAL C 180 -2.86 -1.20 -14.27
N ARG C 181 -1.58 -0.87 -14.10
CA ARG C 181 -0.84 -1.42 -12.97
C ARG C 181 -1.42 -0.94 -11.64
N SER C 182 -1.93 0.30 -11.59
CA SER C 182 -2.53 0.79 -10.36
C SER C 182 -3.81 0.03 -10.02
N VAL C 183 -4.71 -0.11 -10.99
CA VAL C 183 -5.96 -0.84 -10.75
C VAL C 183 -5.68 -2.29 -10.41
N ASN C 184 -4.86 -2.97 -11.22
CA ASN C 184 -4.63 -4.39 -10.97
C ASN C 184 -3.81 -4.61 -9.71
N GLY C 185 -2.90 -3.69 -9.39
CA GLY C 185 -2.14 -3.83 -8.17
C GLY C 185 -2.99 -3.67 -6.92
N ASP C 186 -3.93 -2.71 -6.94
CA ASP C 186 -4.85 -2.56 -5.82
C ASP C 186 -5.74 -3.79 -5.67
N ILE C 187 -6.18 -4.37 -6.78
CA ILE C 187 -6.97 -5.61 -6.68
C ILE C 187 -6.15 -6.72 -6.04
N ARG C 188 -4.88 -6.85 -6.44
CA ARG C 188 -4.01 -7.87 -5.85
C ARG C 188 -3.81 -7.64 -4.37
N VAL C 189 -3.62 -6.38 -3.97
CA VAL C 189 -3.46 -6.06 -2.55
C VAL C 189 -4.71 -6.46 -1.78
N LEU C 190 -5.87 -6.18 -2.35
CA LEU C 190 -7.13 -6.47 -1.69
C LEU C 190 -7.32 -7.97 -1.46
N ARG C 191 -6.71 -8.80 -2.32
N ARG C 191 -6.73 -8.80 -2.33
CA ARG C 191 -7.01 -10.23 -2.32
CA ARG C 191 -7.01 -10.23 -2.31
C ARG C 191 -6.69 -10.89 -0.98
C ARG C 191 -6.71 -10.86 -0.95
N ASN C 192 -5.50 -10.64 -0.43
CA ASN C 192 -5.11 -11.23 0.84
C ASN C 192 -5.03 -10.23 1.99
N MET C 193 -5.72 -9.10 1.87
CA MET C 193 -5.77 -8.14 2.96
C MET C 193 -6.56 -8.74 4.13
N ASP C 194 -6.09 -8.48 5.35
CA ASP C 194 -6.86 -8.75 6.55
C ASP C 194 -8.26 -8.18 6.37
N ASP C 195 -9.28 -9.04 6.56
CA ASP C 195 -10.65 -8.58 6.38
C ASP C 195 -10.94 -7.37 7.26
N ASP C 196 -10.40 -7.35 8.48
CA ASP C 196 -10.70 -6.25 9.40
C ASP C 196 -10.22 -4.90 8.85
N GLU C 197 -9.29 -4.93 7.90
CA GLU C 197 -8.67 -3.73 7.34
C GLU C 197 -9.39 -3.23 6.07
N VAL C 198 -10.34 -4.01 5.54
CA VAL C 198 -11.00 -3.62 4.30
C VAL C 198 -11.90 -2.40 4.50
N PHE C 199 -12.46 -2.23 5.69
CA PHE C 199 -13.31 -1.05 5.92
C PHE C 199 -12.52 0.24 5.70
N THR C 200 -11.32 0.32 6.27
CA THR C 200 -10.49 1.50 6.09
C THR C 200 -10.03 1.63 4.64
N PHE C 201 -9.72 0.50 4.01
CA PHE C 201 -9.33 0.53 2.60
C PHE C 201 -10.44 1.11 1.73
N ALA C 202 -11.68 0.72 2.02
CA ALA C 202 -12.81 1.28 1.28
C ALA C 202 -12.95 2.77 1.56
N LYS C 203 -12.73 3.19 2.80
CA LYS C 203 -12.74 4.61 3.11
C LYS C 203 -11.67 5.35 2.31
N LYS C 204 -10.44 4.82 2.29
CA LYS C 204 -9.35 5.51 1.61
C LYS C 204 -9.57 5.52 0.09
N LEU C 205 -10.21 4.50 -0.46
CA LEU C 205 -10.58 4.52 -1.86
C LEU C 205 -11.77 5.41 -2.14
N ALA C 206 -12.47 5.86 -1.11
CA ALA C 206 -13.79 6.49 -1.27
C ALA C 206 -14.67 5.69 -2.22
N ALA C 207 -14.73 4.38 -1.99
CA ALA C 207 -15.44 3.41 -2.80
C ALA C 207 -16.45 2.66 -1.94
N PRO C 208 -17.54 2.20 -2.53
CA PRO C 208 -18.54 1.44 -1.76
C PRO C 208 -17.97 0.12 -1.25
N TYR C 209 -18.10 -0.09 0.06
CA TYR C 209 -17.51 -1.26 0.69
C TYR C 209 -17.99 -2.57 0.07
N ASP C 210 -19.28 -2.68 -0.26
CA ASP C 210 -19.77 -3.92 -0.86
C ASP C 210 -19.05 -4.22 -2.17
N LEU C 211 -18.81 -3.21 -3.00
CA LEU C 211 -18.06 -3.46 -4.23
C LEU C 211 -16.61 -3.81 -3.96
N VAL C 212 -15.99 -3.16 -2.96
CA VAL C 212 -14.64 -3.54 -2.56
C VAL C 212 -14.59 -5.02 -2.18
N MET C 213 -15.56 -5.50 -1.39
CA MET C 213 -15.58 -6.90 -0.99
C MET C 213 -15.85 -7.81 -2.17
N GLN C 214 -16.71 -7.38 -3.09
CA GLN C 214 -16.97 -8.18 -4.29
C GLN C 214 -15.69 -8.36 -5.10
N THR C 215 -14.94 -7.28 -5.26
CA THR C 215 -13.65 -7.34 -5.94
C THR C 215 -12.68 -8.25 -5.20
N LYS C 216 -12.66 -8.18 -3.87
CA LYS C 216 -11.78 -9.05 -3.10
C LYS C 216 -12.14 -10.52 -3.32
N GLN C 217 -13.44 -10.84 -3.35
CA GLN C 217 -13.86 -12.22 -3.52
C GLN C 217 -13.59 -12.72 -4.92
N LEU C 218 -13.77 -11.86 -5.93
CA LEU C 218 -13.49 -12.29 -7.30
C LEU C 218 -11.99 -12.34 -7.61
N GLY C 219 -11.19 -11.46 -6.99
CA GLY C 219 -9.81 -11.33 -7.43
C GLY C 219 -9.65 -10.61 -8.75
N ARG C 220 -10.69 -9.90 -9.19
CA ARG C 220 -10.64 -9.11 -10.42
C ARG C 220 -11.75 -8.07 -10.35
N LEU C 221 -11.76 -7.18 -11.33
CA LEU C 221 -12.78 -6.16 -11.36
C LEU C 221 -14.14 -6.80 -11.65
N PRO C 222 -15.21 -6.37 -10.96
CA PRO C 222 -16.52 -7.03 -11.13
C PRO C 222 -17.14 -6.88 -12.50
N VAL C 223 -16.55 -6.08 -13.39
CA VAL C 223 -17.00 -5.97 -14.77
C VAL C 223 -15.77 -6.06 -15.65
N VAL C 224 -16.03 -6.20 -16.95
CA VAL C 224 -14.94 -6.22 -17.93
C VAL C 224 -14.11 -4.94 -17.83
N GLN C 225 -12.80 -5.08 -18.07
CA GLN C 225 -11.87 -3.96 -17.97
C GLN C 225 -11.04 -3.91 -19.25
N PHE C 226 -11.23 -2.86 -20.05
CA PHE C 226 -10.42 -2.63 -21.24
C PHE C 226 -9.42 -1.51 -20.96
N ALA C 227 -8.29 -1.54 -21.66
CA ALA C 227 -7.36 -0.43 -21.66
C ALA C 227 -7.72 0.53 -22.79
N ALA C 228 -7.48 1.82 -22.55
CA ALA C 228 -7.86 2.80 -23.56
C ALA C 228 -6.96 4.02 -23.44
N GLY C 229 -6.42 4.47 -24.56
CA GLY C 229 -5.64 5.69 -24.58
C GLY C 229 -4.18 5.43 -24.86
N GLY C 230 -3.70 5.82 -26.03
CA GLY C 230 -2.29 5.71 -26.33
C GLY C 230 -1.84 4.40 -26.93
N VAL C 231 -2.78 3.50 -27.27
CA VAL C 231 -2.44 2.20 -27.84
C VAL C 231 -2.17 2.41 -29.32
N ALA C 232 -0.88 2.45 -29.69
CA ALA C 232 -0.47 2.80 -31.04
C ALA C 232 -0.02 1.62 -31.89
N THR C 233 0.55 0.59 -31.29
CA THR C 233 1.18 -0.51 -32.01
C THR C 233 0.62 -1.85 -31.54
N PRO C 234 0.81 -2.90 -32.34
CA PRO C 234 0.49 -4.26 -31.87
C PRO C 234 1.17 -4.61 -30.55
N ALA C 235 2.43 -4.20 -30.36
CA ALA C 235 3.11 -4.44 -29.09
C ALA C 235 2.39 -3.77 -27.93
N ASP C 236 1.94 -2.53 -28.12
CA ASP C 236 1.17 -1.84 -27.07
C ASP C 236 -0.05 -2.65 -26.68
N ALA C 237 -0.81 -3.11 -27.67
CA ALA C 237 -2.06 -3.82 -27.41
C ALA C 237 -1.79 -5.13 -26.69
N ALA C 238 -0.81 -5.90 -27.14
CA ALA C 238 -0.48 -7.15 -26.47
C ALA C 238 0.04 -6.89 -25.07
N LEU C 239 0.79 -5.80 -24.88
CA LEU C 239 1.23 -5.41 -23.53
C LEU C 239 0.04 -5.22 -22.58
N MET C 240 -0.99 -4.52 -23.04
CA MET C 240 -2.17 -4.32 -22.19
C MET C 240 -2.81 -5.65 -21.82
N MET C 241 -2.87 -6.58 -22.76
CA MET C 241 -3.45 -7.89 -22.47
C MET C 241 -2.57 -8.67 -21.48
N GLN C 242 -1.25 -8.56 -21.63
CA GLN C 242 -0.35 -9.27 -20.72
C GLN C 242 -0.41 -8.70 -19.31
N LEU C 243 -0.69 -7.40 -19.19
CA LEU C 243 -0.89 -6.80 -17.86
C LEU C 243 -2.26 -7.09 -17.27
N GLY C 244 -3.11 -7.85 -17.96
CA GLY C 244 -4.35 -8.33 -17.40
C GLY C 244 -5.63 -7.68 -17.90
N CYS C 245 -5.58 -6.81 -18.89
CA CYS C 245 -6.82 -6.26 -19.44
C CYS C 245 -7.63 -7.33 -20.18
N ASP C 246 -8.92 -7.04 -20.38
CA ASP C 246 -9.80 -7.94 -21.12
C ASP C 246 -9.92 -7.56 -22.58
N GLY C 247 -9.32 -6.45 -22.99
CA GLY C 247 -9.47 -5.95 -24.35
C GLY C 247 -8.90 -4.55 -24.40
N VAL C 248 -8.98 -3.95 -25.58
CA VAL C 248 -8.44 -2.61 -25.76
C VAL C 248 -9.38 -1.78 -26.63
N PHE C 249 -9.37 -0.48 -26.37
CA PHE C 249 -9.94 0.53 -27.25
C PHE C 249 -8.79 1.16 -28.01
N VAL C 250 -8.98 1.36 -29.30
CA VAL C 250 -8.03 2.10 -30.11
C VAL C 250 -8.81 3.18 -30.86
N GLY C 251 -8.31 4.40 -30.83
CA GLY C 251 -9.00 5.47 -31.50
C GLY C 251 -8.18 6.03 -32.65
N SER C 252 -7.15 6.80 -32.29
CA SER C 252 -6.30 7.45 -33.27
C SER C 252 -5.29 6.50 -33.89
N GLY C 253 -4.81 5.53 -33.12
CA GLY C 253 -3.73 4.66 -33.52
C GLY C 253 -3.90 3.87 -34.82
N ILE C 254 -5.07 3.94 -35.44
CA ILE C 254 -5.35 3.18 -36.66
C ILE C 254 -5.52 4.09 -37.88
N PHE C 255 -6.55 4.92 -37.88
CA PHE C 255 -6.87 5.72 -39.08
C PHE C 255 -6.09 7.04 -39.11
N PRO C 260 -3.79 1.73 -42.94
CA PRO C 260 -4.68 1.76 -41.77
C PRO C 260 -5.63 0.55 -41.68
N ALA C 261 -6.15 0.07 -42.81
CA ALA C 261 -6.89 -1.19 -42.77
C ALA C 261 -5.99 -2.34 -42.32
N ARG C 262 -4.71 -2.27 -42.66
CA ARG C 262 -3.78 -3.31 -42.25
C ARG C 262 -3.39 -3.16 -40.78
N ARG C 263 -3.29 -1.93 -40.28
CA ARG C 263 -2.92 -1.75 -38.87
C ARG C 263 -4.05 -2.22 -37.95
N ALA C 264 -5.29 -2.08 -38.39
CA ALA C 264 -6.43 -2.56 -37.60
C ALA C 264 -6.38 -4.07 -37.43
N ARG C 265 -6.13 -4.80 -38.52
CA ARG C 265 -6.02 -6.26 -38.42
C ARG C 265 -4.89 -6.66 -37.47
N ALA C 266 -3.75 -5.97 -37.55
CA ALA C 266 -2.60 -6.34 -36.74
C ALA C 266 -2.91 -6.18 -35.25
N ILE C 267 -3.58 -5.10 -34.88
CA ILE C 267 -3.93 -4.90 -33.47
C ILE C 267 -4.93 -5.94 -33.01
N VAL C 268 -5.91 -6.27 -33.86
CA VAL C 268 -6.85 -7.34 -33.55
C VAL C 268 -6.10 -8.65 -33.32
N GLN C 269 -5.13 -8.94 -34.20
CA GLN C 269 -4.34 -10.16 -34.05
C GLN C 269 -3.51 -10.12 -32.79
N ALA C 270 -2.91 -8.97 -32.50
CA ALA C 270 -2.07 -8.85 -31.32
C ALA C 270 -2.87 -9.13 -30.06
N VAL C 271 -4.14 -8.73 -30.03
CA VAL C 271 -4.95 -8.92 -28.83
C VAL C 271 -5.42 -10.38 -28.73
N THR C 272 -5.74 -11.00 -29.87
CA THR C 272 -6.18 -12.39 -29.86
C THR C 272 -5.04 -13.33 -29.49
N HIS C 273 -3.81 -13.03 -29.94
CA HIS C 273 -2.66 -13.91 -29.70
C HIS C 273 -1.56 -13.18 -28.91
N TYR C 274 -1.95 -12.54 -27.81
CA TYR C 274 -1.04 -11.64 -27.10
C TYR C 274 0.15 -12.35 -26.46
N SER C 275 0.10 -13.67 -26.31
CA SER C 275 1.21 -14.42 -25.71
C SER C 275 2.06 -15.14 -26.75
N ASP C 276 1.89 -14.84 -28.05
CA ASP C 276 2.59 -15.51 -29.14
C ASP C 276 3.55 -14.51 -29.79
N PRO C 277 4.81 -14.47 -29.36
CA PRO C 277 5.76 -13.51 -29.96
C PRO C 277 5.95 -13.70 -31.46
N GLU C 278 5.80 -14.93 -31.96
CA GLU C 278 5.91 -15.16 -33.40
C GLU C 278 4.81 -14.43 -34.14
N MET C 279 3.57 -14.56 -33.66
CA MET C 279 2.45 -13.82 -34.27
C MET C 279 2.65 -12.33 -34.12
N LEU C 280 3.14 -11.87 -32.97
CA LEU C 280 3.36 -10.44 -32.77
C LEU C 280 4.41 -9.91 -33.74
N VAL C 281 5.43 -10.72 -34.04
CA VAL C 281 6.44 -10.33 -35.01
C VAL C 281 5.82 -10.22 -36.40
N GLU C 282 5.04 -11.23 -36.81
CA GLU C 282 4.48 -11.25 -38.15
C GLU C 282 3.62 -10.01 -38.41
N VAL C 283 2.70 -9.70 -37.49
CA VAL C 283 1.82 -8.56 -37.72
C VAL C 283 2.53 -7.23 -37.58
N SER C 284 3.64 -7.17 -36.84
CA SER C 284 4.36 -5.91 -36.69
C SER C 284 5.31 -5.62 -37.85
N CYS C 285 5.67 -6.65 -38.63
CA CYS C 285 6.71 -6.50 -39.64
C CYS C 285 6.21 -5.66 -40.80
N GLY C 286 6.95 -4.60 -41.13
CA GLY C 286 6.61 -3.76 -42.26
C GLY C 286 5.28 -3.05 -42.13
N LEU C 287 4.82 -2.82 -40.90
CA LEU C 287 3.46 -2.34 -40.68
C LEU C 287 3.27 -0.89 -41.14
N GLY C 288 4.36 -0.14 -41.32
CA GLY C 288 4.27 1.25 -41.73
C GLY C 288 4.38 2.20 -40.56
N GLU C 289 4.05 3.46 -40.83
CA GLU C 289 4.17 4.51 -39.84
C GLU C 289 2.97 4.51 -38.89
N ALA C 290 3.25 4.65 -37.59
CA ALA C 290 2.22 4.64 -36.56
C ALA C 290 1.81 6.06 -36.15
N PRO D 22 22.49 -19.37 -16.08
CA PRO D 22 22.27 -18.66 -17.36
C PRO D 22 22.66 -17.17 -17.33
N PHE D 23 22.42 -16.44 -16.24
CA PHE D 23 22.82 -15.03 -16.23
C PHE D 23 24.32 -14.87 -16.47
N SER D 24 25.15 -15.70 -15.82
CA SER D 24 26.58 -15.60 -16.02
C SER D 24 26.99 -15.88 -17.46
N VAL D 25 26.21 -16.69 -18.19
CA VAL D 25 26.46 -16.90 -19.61
C VAL D 25 26.25 -15.59 -20.37
N LYS D 26 25.14 -14.91 -20.09
CA LYS D 26 24.86 -13.60 -20.70
C LYS D 26 25.93 -12.60 -20.32
N VAL D 27 26.37 -12.60 -19.06
CA VAL D 27 27.43 -11.68 -18.65
C VAL D 27 28.72 -11.96 -19.41
N GLY D 28 29.05 -13.24 -19.60
CA GLY D 28 30.26 -13.60 -20.31
C GLY D 28 30.20 -13.25 -21.79
N LEU D 29 29.03 -13.41 -22.42
CA LEU D 29 28.88 -13.00 -23.81
C LEU D 29 29.23 -11.53 -23.97
N ALA D 30 28.65 -10.67 -23.11
CA ALA D 30 28.86 -9.24 -23.21
C ALA D 30 30.32 -8.86 -23.04
N GLN D 31 31.09 -9.69 -22.33
N GLN D 31 31.09 -9.68 -22.32
CA GLN D 31 32.52 -9.38 -22.15
CA GLN D 31 32.52 -9.41 -22.15
C GLN D 31 33.28 -9.42 -23.47
C GLN D 31 33.25 -9.36 -23.48
N MET D 32 32.72 -10.05 -24.50
CA MET D 32 33.35 -10.05 -25.82
C MET D 32 33.39 -8.67 -26.45
N LEU D 33 32.50 -7.77 -26.02
CA LEU D 33 32.44 -6.43 -26.59
C LEU D 33 33.51 -5.50 -26.01
N ARG D 34 34.17 -5.92 -24.93
CA ARG D 34 35.14 -5.09 -24.26
C ARG D 34 36.16 -4.53 -25.25
N GLY D 35 36.42 -3.23 -25.17
CA GLY D 35 37.31 -2.58 -26.11
C GLY D 35 36.70 -2.19 -27.43
N GLY D 36 35.37 -2.24 -27.56
CA GLY D 36 34.72 -1.98 -28.82
C GLY D 36 33.89 -0.70 -28.83
N VAL D 37 33.49 -0.32 -30.04
CA VAL D 37 32.57 0.78 -30.30
C VAL D 37 31.29 0.17 -30.88
N ILE D 38 30.16 0.41 -30.22
CA ILE D 38 28.85 0.09 -30.78
C ILE D 38 28.30 1.34 -31.44
N MET D 39 28.02 1.26 -32.75
CA MET D 39 27.50 2.39 -33.50
C MET D 39 26.01 2.22 -33.74
N ASP D 40 25.25 3.32 -33.61
CA ASP D 40 23.87 3.35 -34.08
C ASP D 40 23.85 3.42 -35.59
N VAL D 41 22.89 2.72 -36.21
CA VAL D 41 22.77 2.67 -37.67
C VAL D 41 21.29 2.67 -38.07
N VAL D 42 20.99 3.21 -39.25
CA VAL D 42 19.60 3.36 -39.69
C VAL D 42 19.29 2.62 -40.99
N ASN D 43 20.25 1.91 -41.57
CA ASN D 43 19.99 1.10 -42.75
C ASN D 43 21.11 0.07 -42.88
N ALA D 44 20.96 -0.82 -43.87
CA ALA D 44 21.98 -1.84 -44.12
C ALA D 44 23.31 -1.20 -44.49
N GLU D 45 23.29 -0.16 -45.32
CA GLU D 45 24.54 0.45 -45.77
C GLU D 45 25.33 1.03 -44.60
N GLN D 46 24.68 1.84 -43.76
CA GLN D 46 25.32 2.32 -42.54
C GLN D 46 25.85 1.17 -41.70
N ALA D 47 25.08 0.10 -41.58
CA ALA D 47 25.53 -1.06 -40.83
C ALA D 47 26.85 -1.58 -41.38
N ARG D 48 26.94 -1.68 -42.72
CA ARG D 48 28.15 -2.19 -43.35
C ARG D 48 29.33 -1.24 -43.15
N ILE D 49 29.09 0.07 -43.26
CA ILE D 49 30.16 1.03 -43.00
C ILE D 49 30.64 0.92 -41.56
N ALA D 50 29.70 0.85 -40.62
CA ALA D 50 30.06 0.60 -39.22
C ALA D 50 30.95 -0.63 -39.10
N GLU D 51 30.48 -1.77 -39.60
CA GLU D 51 31.24 -3.01 -39.50
C GLU D 51 32.62 -2.88 -40.12
N GLU D 52 32.71 -2.30 -41.32
CA GLU D 52 33.98 -2.18 -42.01
C GLU D 52 34.92 -1.23 -41.28
N ALA D 53 34.37 -0.25 -40.57
CA ALA D 53 35.18 0.65 -39.76
C ALA D 53 35.69 -0.03 -38.49
N GLY D 54 35.25 -1.25 -38.21
CA GLY D 54 35.69 -1.98 -37.05
C GLY D 54 34.78 -1.95 -35.84
N ALA D 55 33.51 -1.55 -35.99
CA ALA D 55 32.62 -1.55 -34.83
C ALA D 55 32.46 -2.97 -34.29
N CYS D 56 32.33 -3.10 -32.97
CA CYS D 56 32.11 -4.42 -32.38
C CYS D 56 30.66 -4.85 -32.47
N ALA D 57 29.74 -3.93 -32.73
CA ALA D 57 28.32 -4.24 -32.85
C ALA D 57 27.63 -3.01 -33.41
N VAL D 58 26.43 -3.23 -33.94
CA VAL D 58 25.60 -2.12 -34.38
C VAL D 58 24.33 -2.08 -33.53
N MET D 59 23.77 -0.88 -33.44
CA MET D 59 22.50 -0.61 -32.75
C MET D 59 21.51 -0.15 -33.81
N ALA D 60 20.56 -1.01 -34.16
CA ALA D 60 19.63 -0.68 -35.23
C ALA D 60 18.51 0.19 -34.68
N LEU D 61 18.21 1.29 -35.38
CA LEU D 61 17.07 2.12 -35.04
C LEU D 61 16.61 2.92 -36.25
N GLU D 62 15.40 3.47 -36.15
CA GLU D 62 14.83 4.30 -37.21
C GLU D 62 15.11 5.79 -37.04
N ARG D 63 15.38 6.25 -35.81
CA ARG D 63 15.71 7.64 -35.54
C ARG D 63 16.94 7.71 -34.63
N VAL D 64 17.95 8.47 -35.07
CA VAL D 64 19.16 8.73 -34.28
C VAL D 64 18.76 9.56 -33.06
N PRO D 65 19.50 9.51 -31.95
CA PRO D 65 19.07 10.26 -30.75
C PRO D 65 18.95 11.76 -30.98
N ALA D 66 19.88 12.36 -31.75
CA ALA D 66 19.78 13.79 -32.04
C ALA D 66 18.52 14.14 -32.81
N ASP D 67 18.06 13.24 -33.69
CA ASP D 67 16.80 13.44 -34.40
C ASP D 67 15.59 13.14 -33.52
N ILE D 68 15.74 12.22 -32.56
CA ILE D 68 14.68 12.01 -31.58
C ILE D 68 14.45 13.27 -30.76
N ARG D 69 15.54 13.92 -30.33
CA ARG D 69 15.42 15.16 -29.57
C ARG D 69 14.78 16.25 -30.41
N ALA D 70 15.31 16.50 -31.61
CA ALA D 70 14.82 17.59 -32.45
C ALA D 70 13.37 17.39 -32.82
N GLN D 71 13.05 16.25 -33.45
CA GLN D 71 11.71 16.04 -33.96
C GLN D 71 10.67 15.93 -32.85
N GLY D 72 11.02 15.38 -31.68
CA GLY D 72 10.04 15.11 -30.66
C GLY D 72 9.21 13.88 -31.01
N GLY D 73 7.96 13.84 -30.51
CA GLY D 73 7.07 12.73 -30.75
C GLY D 73 7.36 11.53 -29.86
N VAL D 74 6.53 10.50 -30.00
CA VAL D 74 6.73 9.24 -29.29
C VAL D 74 7.71 8.39 -30.08
N ALA D 75 8.76 7.91 -29.43
CA ALA D 75 9.77 7.05 -30.04
C ALA D 75 9.65 5.66 -29.43
N ARG D 76 9.65 4.64 -30.30
CA ARG D 76 9.36 3.26 -29.94
C ARG D 76 10.37 2.32 -30.60
N MET D 77 10.15 1.02 -30.36
CA MET D 77 10.86 -0.03 -31.07
C MET D 77 10.72 0.17 -32.57
N SER D 78 11.80 -0.12 -33.30
CA SER D 78 11.80 0.05 -34.74
C SER D 78 11.01 -1.07 -35.41
N ASP D 79 10.66 -0.87 -36.69
CA ASP D 79 9.92 -1.90 -37.40
C ASP D 79 10.79 -3.16 -37.43
N PRO D 80 10.24 -4.34 -37.11
CA PRO D 80 11.04 -5.56 -37.26
C PRO D 80 11.62 -5.76 -38.65
N GLN D 81 11.02 -5.14 -39.68
CA GLN D 81 11.53 -5.30 -41.03
C GLN D 81 12.87 -4.62 -41.21
N MET D 82 13.00 -3.38 -40.72
CA MET D 82 14.29 -2.69 -40.87
C MET D 82 15.36 -3.32 -39.98
N ILE D 83 14.96 -3.92 -38.87
CA ILE D 83 15.93 -4.60 -38.00
C ILE D 83 16.45 -5.87 -38.68
N LYS D 84 15.56 -6.64 -39.31
CA LYS D 84 16.00 -7.84 -40.01
C LYS D 84 16.96 -7.51 -41.14
N GLU D 85 16.70 -6.44 -41.88
CA GLU D 85 17.60 -6.06 -42.97
C GLU D 85 18.99 -5.76 -42.44
N ILE D 86 19.08 -4.96 -41.37
CA ILE D 86 20.37 -4.66 -40.76
C ILE D 86 21.04 -5.95 -40.28
N LYS D 87 20.26 -6.84 -39.67
CA LYS D 87 20.79 -8.12 -39.20
C LYS D 87 21.37 -8.94 -40.36
N GLN D 88 20.70 -8.94 -41.51
CA GLN D 88 21.17 -9.71 -42.65
C GLN D 88 22.40 -9.09 -43.31
N ALA D 89 22.69 -7.83 -43.01
CA ALA D 89 23.69 -7.07 -43.73
C ALA D 89 25.05 -7.01 -43.05
N VAL D 90 25.19 -7.60 -41.87
CA VAL D 90 26.45 -7.62 -41.14
C VAL D 90 26.57 -8.95 -40.43
N THR D 91 27.78 -9.23 -39.95
CA THR D 91 28.04 -10.43 -39.17
C THR D 91 28.39 -10.14 -37.72
N ILE D 92 28.66 -8.88 -37.38
CA ILE D 92 28.89 -8.46 -36.00
C ILE D 92 27.54 -8.44 -35.29
N PRO D 93 27.49 -8.53 -33.96
CA PRO D 93 26.19 -8.55 -33.27
C PRO D 93 25.36 -7.32 -33.60
N VAL D 94 24.03 -7.52 -33.61
CA VAL D 94 23.06 -6.49 -33.88
C VAL D 94 22.23 -6.27 -32.62
N MET D 95 22.23 -5.04 -32.12
CA MET D 95 21.39 -4.65 -30.99
C MET D 95 20.21 -3.83 -31.50
N ALA D 96 19.14 -3.79 -30.69
CA ALA D 96 17.99 -2.94 -30.98
C ALA D 96 17.38 -2.48 -29.66
N LYS D 97 16.69 -1.34 -29.71
CA LYS D 97 16.22 -0.67 -28.52
C LYS D 97 14.75 -0.99 -28.26
N ALA D 98 14.39 -1.15 -27.00
CA ALA D 98 13.00 -1.29 -26.62
C ALA D 98 12.71 -0.26 -25.55
N ARG D 99 11.46 0.19 -25.50
CA ARG D 99 11.09 1.17 -24.50
C ARG D 99 11.22 0.57 -23.10
N ILE D 100 11.60 1.43 -22.16
CA ILE D 100 11.77 0.99 -20.78
C ILE D 100 10.46 0.44 -20.22
N GLY D 101 10.52 -0.78 -19.66
CA GLY D 101 9.33 -1.45 -19.16
C GLY D 101 8.44 -2.07 -20.20
N HIS D 102 8.76 -1.93 -21.49
CA HIS D 102 7.90 -2.49 -22.54
C HIS D 102 8.37 -3.91 -22.84
N PHE D 103 8.02 -4.83 -21.94
CA PHE D 103 8.47 -6.20 -22.10
C PHE D 103 7.92 -6.87 -23.35
N VAL D 104 6.84 -6.35 -23.93
CA VAL D 104 6.34 -6.95 -25.17
C VAL D 104 7.20 -6.55 -26.36
N GLU D 105 7.65 -5.29 -26.42
CA GLU D 105 8.61 -4.93 -27.46
C GLU D 105 9.86 -5.81 -27.36
N ALA D 106 10.26 -6.15 -26.13
CA ALA D 106 11.41 -7.02 -25.93
C ALA D 106 11.14 -8.42 -26.46
N GLN D 107 9.91 -8.93 -26.26
CA GLN D 107 9.57 -10.25 -26.80
C GLN D 107 9.64 -10.26 -28.32
N ILE D 108 9.22 -9.18 -28.95
CA ILE D 108 9.28 -9.13 -30.41
C ILE D 108 10.72 -9.09 -30.89
N LEU D 109 11.56 -8.26 -30.25
CA LEU D 109 12.96 -8.17 -30.66
C LEU D 109 13.68 -9.52 -30.50
N GLU D 110 13.42 -10.21 -29.40
CA GLU D 110 14.01 -11.52 -29.19
C GLU D 110 13.54 -12.50 -30.24
N ALA D 111 12.26 -12.43 -30.61
CA ALA D 111 11.76 -13.31 -31.66
C ALA D 111 12.40 -13.00 -33.02
N ILE D 112 12.85 -11.77 -33.23
CA ILE D 112 13.53 -11.41 -34.48
C ILE D 112 14.85 -12.16 -34.61
N GLY D 113 15.44 -12.58 -33.49
CA GLY D 113 16.73 -13.22 -33.53
C GLY D 113 17.92 -12.28 -33.41
N ILE D 114 17.76 -11.12 -32.80
CA ILE D 114 18.92 -10.25 -32.63
C ILE D 114 19.72 -10.70 -31.42
N ASP D 115 20.83 -10.02 -31.16
CA ASP D 115 21.79 -10.49 -30.18
C ASP D 115 21.66 -9.82 -28.82
N TYR D 116 21.25 -8.55 -28.79
CA TYR D 116 21.11 -7.78 -27.56
C TYR D 116 19.87 -6.90 -27.69
N ILE D 117 19.16 -6.73 -26.59
CA ILE D 117 18.11 -5.73 -26.45
C ILE D 117 18.62 -4.64 -25.53
N ASP D 118 18.50 -3.39 -25.96
CA ASP D 118 18.85 -2.27 -25.11
C ASP D 118 17.56 -1.64 -24.61
N GLU D 119 17.30 -1.76 -23.31
CA GLU D 119 16.16 -1.11 -22.66
C GLU D 119 16.60 0.34 -22.48
N SER D 120 16.11 1.23 -23.34
CA SER D 120 16.77 2.52 -23.58
C SER D 120 15.92 3.73 -23.15
N GLU D 121 16.50 4.54 -22.27
CA GLU D 121 15.97 5.84 -21.85
C GLU D 121 15.78 6.82 -23.00
N VAL D 122 16.37 6.60 -24.17
CA VAL D 122 16.17 7.58 -25.25
C VAL D 122 14.90 7.31 -26.05
N LEU D 123 14.27 6.17 -25.86
CA LEU D 123 12.91 6.01 -26.34
C LEU D 123 11.96 6.53 -25.28
N THR D 124 10.73 6.80 -25.69
CA THR D 124 9.73 7.26 -24.74
C THR D 124 9.53 6.21 -23.64
N LEU D 125 9.58 6.62 -22.39
N LEU D 125 9.59 6.63 -22.38
CA LEU D 125 9.37 5.68 -21.30
CA LEU D 125 9.33 5.68 -21.31
C LEU D 125 7.98 5.07 -21.42
C LEU D 125 7.97 5.05 -21.51
N ALA D 126 7.90 3.74 -21.32
CA ALA D 126 6.63 3.03 -21.37
C ALA D 126 6.09 2.71 -19.99
N ASP D 127 6.98 2.60 -19.01
CA ASP D 127 6.60 2.26 -17.65
C ASP D 127 7.47 3.12 -16.75
N GLU D 128 6.85 4.07 -16.05
CA GLU D 128 7.63 4.99 -15.23
C GLU D 128 8.13 4.36 -13.94
N ASP D 129 7.55 3.23 -13.52
CA ASP D 129 7.86 2.69 -12.20
C ASP D 129 8.62 1.37 -12.25
N HIS D 130 8.65 0.67 -13.37
CA HIS D 130 9.28 -0.64 -13.40
C HIS D 130 9.98 -0.83 -14.73
N HIS D 131 11.15 -1.45 -14.69
CA HIS D 131 11.86 -1.91 -15.88
C HIS D 131 11.42 -3.32 -16.25
N ILE D 132 11.76 -3.72 -17.48
CA ILE D 132 11.62 -5.12 -17.90
C ILE D 132 12.30 -6.08 -16.92
N ASN D 133 11.59 -7.16 -16.58
CA ASN D 133 12.19 -8.26 -15.83
C ASN D 133 13.01 -9.05 -16.85
N LYS D 134 14.29 -8.68 -16.97
CA LYS D 134 15.16 -9.15 -18.04
C LYS D 134 15.59 -10.61 -17.86
N HIS D 135 15.44 -11.15 -16.66
CA HIS D 135 15.72 -12.57 -16.44
C HIS D 135 14.76 -13.49 -17.19
N ASN D 136 13.61 -12.98 -17.63
CA ASN D 136 12.64 -13.77 -18.40
C ASN D 136 13.05 -13.96 -19.86
N PHE D 137 14.21 -13.46 -20.26
CA PHE D 137 14.61 -13.50 -21.65
C PHE D 137 15.89 -14.32 -21.79
N ARG D 138 16.06 -14.91 -22.98
CA ARG D 138 17.23 -15.71 -23.28
C ARG D 138 18.40 -14.85 -23.73
N ILE D 139 18.13 -13.71 -24.38
CA ILE D 139 19.22 -12.91 -24.94
C ILE D 139 19.64 -11.82 -23.95
N PRO D 140 20.89 -11.37 -24.02
CA PRO D 140 21.37 -10.37 -23.06
C PRO D 140 20.75 -9.01 -23.30
N PHE D 141 20.62 -8.25 -22.21
CA PHE D 141 20.11 -6.89 -22.27
C PHE D 141 21.19 -5.91 -21.82
N VAL D 142 21.12 -4.71 -22.39
CA VAL D 142 21.88 -3.54 -21.96
C VAL D 142 20.90 -2.57 -21.36
N CYS D 143 21.23 -2.03 -20.19
CA CYS D 143 20.50 -0.95 -19.53
C CYS D 143 21.41 0.23 -19.24
N GLY D 144 20.80 1.39 -19.06
CA GLY D 144 21.53 2.59 -18.76
C GLY D 144 21.63 2.83 -17.28
N CYS D 145 22.52 3.74 -16.91
CA CYS D 145 22.58 4.18 -15.52
C CYS D 145 23.23 5.55 -15.46
N ARG D 146 23.04 6.22 -14.32
CA ARG D 146 23.70 7.48 -14.03
C ARG D 146 24.48 7.40 -12.73
N ASN D 147 24.38 6.29 -12.01
CA ASN D 147 25.04 6.16 -10.71
C ASN D 147 25.09 4.68 -10.36
N LEU D 148 25.90 4.35 -9.36
CA LEU D 148 26.12 2.94 -9.05
C LEU D 148 24.84 2.25 -8.57
N GLY D 149 23.97 2.98 -7.88
CA GLY D 149 22.75 2.36 -7.37
C GLY D 149 21.85 1.93 -8.52
N GLU D 150 21.72 2.80 -9.52
CA GLU D 150 20.96 2.46 -10.73
C GLU D 150 21.57 1.29 -11.49
N ALA D 151 22.89 1.26 -11.61
CA ALA D 151 23.53 0.17 -12.35
C ALA D 151 23.25 -1.17 -11.69
N LEU D 152 23.40 -1.25 -10.36
CA LEU D 152 23.18 -2.50 -9.66
C LEU D 152 21.73 -2.94 -9.72
N ARG D 153 20.77 -1.99 -9.68
CA ARG D 153 19.37 -2.37 -9.78
C ARG D 153 19.06 -2.94 -11.16
N ARG D 154 19.58 -2.30 -12.19
CA ARG D 154 19.45 -2.83 -13.55
C ARG D 154 20.04 -4.24 -13.63
N ILE D 155 21.24 -4.45 -13.06
CA ILE D 155 21.87 -5.76 -13.07
C ILE D 155 21.03 -6.79 -12.32
N ARG D 156 20.45 -6.41 -11.17
CA ARG D 156 19.62 -7.36 -10.43
C ARG D 156 18.37 -7.74 -11.22
N GLU D 157 17.83 -6.81 -12.01
CA GLU D 157 16.74 -7.10 -12.94
C GLU D 157 17.18 -7.99 -14.11
N GLY D 158 18.48 -8.13 -14.34
CA GLY D 158 18.96 -9.04 -15.37
C GLY D 158 19.72 -8.41 -16.53
N ALA D 159 20.11 -7.14 -16.41
CA ALA D 159 20.93 -6.55 -17.46
C ALA D 159 22.30 -7.22 -17.46
N ALA D 160 22.76 -7.63 -18.63
CA ALA D 160 24.08 -8.24 -18.76
C ALA D 160 25.17 -7.21 -19.04
N MET D 161 24.79 -5.96 -19.24
CA MET D 161 25.71 -4.92 -19.67
C MET D 161 25.10 -3.59 -19.28
N ILE D 162 25.95 -2.65 -18.88
CA ILE D 162 25.50 -1.35 -18.38
C ILE D 162 26.10 -0.25 -19.24
N ARG D 163 25.25 0.68 -19.68
CA ARG D 163 25.65 1.92 -20.33
C ARG D 163 25.63 3.01 -19.26
N THR D 164 26.79 3.57 -18.92
CA THR D 164 26.80 4.78 -18.09
C THR D 164 26.55 6.00 -18.97
N LYS D 165 25.44 6.69 -18.72
CA LYS D 165 24.86 7.62 -19.69
C LYS D 165 25.33 9.05 -19.53
N GLY D 166 25.59 9.71 -20.64
CA GLY D 166 25.60 11.16 -20.72
C GLY D 166 24.28 11.70 -21.20
N GLU D 167 24.34 12.84 -21.90
CA GLU D 167 23.17 13.42 -22.56
C GLU D 167 23.17 12.95 -24.00
N ALA D 168 22.18 12.14 -24.36
CA ALA D 168 22.16 11.59 -25.71
C ALA D 168 21.76 12.66 -26.71
N GLY D 169 22.45 12.68 -27.86
CA GLY D 169 22.10 13.55 -28.96
C GLY D 169 22.59 14.99 -28.88
N THR D 170 23.34 15.36 -27.84
CA THR D 170 23.83 16.72 -27.67
C THR D 170 25.26 16.90 -28.16
N GLY D 171 26.03 15.82 -28.30
CA GLY D 171 27.44 15.94 -28.60
C GLY D 171 28.26 16.52 -27.48
N ASN D 172 27.72 16.59 -26.27
CA ASN D 172 28.39 17.20 -25.12
C ASN D 172 28.73 16.10 -24.13
N ILE D 173 30.01 15.99 -23.79
CA ILE D 173 30.51 14.84 -23.01
C ILE D 173 30.34 15.03 -21.52
N ILE D 174 29.86 16.21 -21.08
CA ILE D 174 30.00 16.59 -19.68
C ILE D 174 29.27 15.62 -18.74
N GLU D 175 28.01 15.25 -19.08
CA GLU D 175 27.26 14.37 -18.18
C GLU D 175 27.82 12.96 -18.18
N ALA D 176 28.32 12.49 -19.33
CA ALA D 176 28.98 11.21 -19.38
C ALA D 176 30.20 11.19 -18.49
N VAL D 177 31.01 12.26 -18.55
CA VAL D 177 32.14 12.37 -17.63
C VAL D 177 31.65 12.34 -16.19
N ARG D 178 30.60 13.12 -15.87
CA ARG D 178 30.06 13.13 -14.49
C ARG D 178 29.60 11.74 -14.06
N HIS D 179 28.85 11.06 -14.92
CA HIS D 179 28.28 9.79 -14.50
C HIS D 179 29.34 8.68 -14.45
N VAL D 180 30.29 8.68 -15.40
CA VAL D 180 31.39 7.73 -15.33
C VAL D 180 32.23 7.94 -14.06
N ARG D 181 32.56 9.20 -13.75
CA ARG D 181 33.30 9.47 -12.52
C ARG D 181 32.49 9.07 -11.29
N SER D 182 31.17 9.25 -11.34
CA SER D 182 30.33 8.91 -10.19
C SER D 182 30.32 7.40 -9.96
N VAL D 183 30.04 6.61 -11.00
CA VAL D 183 29.98 5.17 -10.84
C VAL D 183 31.33 4.61 -10.39
N ASN D 184 32.41 5.03 -11.07
CA ASN D 184 33.71 4.45 -10.75
C ASN D 184 34.25 4.96 -9.42
N GLY D 185 33.94 6.20 -9.04
CA GLY D 185 34.36 6.69 -7.75
C GLY D 185 33.67 5.97 -6.61
N ASP D 186 32.37 5.71 -6.75
CA ASP D 186 31.66 4.91 -5.74
C ASP D 186 32.23 3.51 -5.65
N ILE D 187 32.61 2.92 -6.79
CA ILE D 187 33.23 1.59 -6.72
C ILE D 187 34.55 1.65 -5.96
N ARG D 188 35.38 2.68 -6.22
CA ARG D 188 36.65 2.82 -5.51
C ARG D 188 36.43 3.02 -4.01
N VAL D 189 35.43 3.82 -3.64
CA VAL D 189 35.06 4.00 -2.24
C VAL D 189 34.63 2.68 -1.63
N LEU D 190 33.76 1.96 -2.33
CA LEU D 190 33.28 0.67 -1.85
C LEU D 190 34.45 -0.30 -1.64
N ARG D 191 35.47 -0.24 -2.48
N ARG D 191 35.47 -0.23 -2.48
CA ARG D 191 36.51 -1.27 -2.47
CA ARG D 191 36.52 -1.24 -2.50
C ARG D 191 37.20 -1.41 -1.11
C ARG D 191 37.21 -1.40 -1.14
N ASN D 192 37.50 -0.30 -0.45
CA ASN D 192 38.14 -0.41 0.86
C ASN D 192 37.29 0.14 2.01
N MET D 193 35.97 0.15 1.83
CA MET D 193 35.08 0.51 2.90
C MET D 193 35.10 -0.57 3.99
N ASP D 194 35.01 -0.12 5.25
CA ASP D 194 34.78 -1.03 6.36
C ASP D 194 33.58 -1.92 6.05
N ASP D 195 33.78 -3.25 6.07
CA ASP D 195 32.67 -4.17 5.79
C ASP D 195 31.43 -3.85 6.62
N ASP D 196 31.63 -3.45 7.87
CA ASP D 196 30.49 -3.19 8.75
C ASP D 196 29.60 -2.07 8.21
N GLU D 197 30.14 -1.18 7.39
CA GLU D 197 29.42 -0.01 6.89
C GLU D 197 28.77 -0.27 5.54
N VAL D 198 28.98 -1.45 4.96
CA VAL D 198 28.44 -1.72 3.63
C VAL D 198 26.93 -1.91 3.69
N PHE D 199 26.39 -2.42 4.80
CA PHE D 199 24.94 -2.59 4.89
C PHE D 199 24.24 -1.24 4.73
N THR D 200 24.73 -0.21 5.41
CA THR D 200 24.14 1.13 5.28
C THR D 200 24.40 1.70 3.89
N PHE D 201 25.59 1.45 3.34
CA PHE D 201 25.89 1.89 1.98
C PHE D 201 24.88 1.31 0.98
N ALA D 202 24.58 0.01 1.10
CA ALA D 202 23.60 -0.59 0.19
C ALA D 202 22.23 0.04 0.36
N LYS D 203 21.84 0.33 1.61
CA LYS D 203 20.57 1.00 1.86
C LYS D 203 20.55 2.39 1.21
N LYS D 204 21.63 3.16 1.38
CA LYS D 204 21.68 4.50 0.82
C LYS D 204 21.67 4.44 -0.71
N LEU D 205 22.30 3.43 -1.29
CA LEU D 205 22.23 3.27 -2.74
C LEU D 205 20.90 2.71 -3.21
N ALA D 206 20.06 2.27 -2.28
CA ALA D 206 18.88 1.45 -2.57
C ALA D 206 19.23 0.36 -3.58
N ALA D 207 20.27 -0.40 -3.26
CA ALA D 207 20.80 -1.41 -4.16
C ALA D 207 20.88 -2.74 -3.41
N PRO D 208 20.79 -3.86 -4.12
CA PRO D 208 20.83 -5.16 -3.43
C PRO D 208 22.18 -5.38 -2.76
N TYR D 209 22.13 -5.71 -1.45
CA TYR D 209 23.36 -5.86 -0.69
C TYR D 209 24.31 -6.88 -1.30
N ASP D 210 23.78 -7.97 -1.86
CA ASP D 210 24.65 -9.01 -2.40
C ASP D 210 25.41 -8.54 -3.62
N LEU D 211 24.76 -7.74 -4.48
CA LEU D 211 25.47 -7.16 -5.61
C LEU D 211 26.48 -6.11 -5.18
N VAL D 212 26.15 -5.33 -4.14
CA VAL D 212 27.11 -4.39 -3.59
C VAL D 212 28.37 -5.11 -3.12
N MET D 213 28.21 -6.24 -2.42
CA MET D 213 29.36 -6.99 -1.97
C MET D 213 30.12 -7.61 -3.13
N GLN D 214 29.40 -8.12 -4.14
CA GLN D 214 30.07 -8.64 -5.33
C GLN D 214 30.91 -7.55 -5.99
N THR D 215 30.35 -6.36 -6.11
CA THR D 215 31.09 -5.22 -6.67
C THR D 215 32.31 -4.90 -5.82
N LYS D 216 32.14 -4.89 -4.50
CA LYS D 216 33.27 -4.60 -3.61
C LYS D 216 34.37 -5.63 -3.78
N GLN D 217 34.00 -6.91 -3.87
CA GLN D 217 35.00 -7.97 -3.98
C GLN D 217 35.68 -7.96 -5.35
N LEU D 218 34.94 -7.70 -6.43
CA LEU D 218 35.54 -7.62 -7.75
C LEU D 218 36.38 -6.37 -7.93
N GLY D 219 36.01 -5.27 -7.30
CA GLY D 219 36.69 -4.01 -7.52
C GLY D 219 36.31 -3.33 -8.81
N ARG D 220 35.21 -3.76 -9.43
CA ARG D 220 34.68 -3.14 -10.64
C ARG D 220 33.22 -3.55 -10.77
N LEU D 221 32.55 -3.01 -11.77
CA LEU D 221 31.15 -3.36 -11.96
C LEU D 221 31.04 -4.83 -12.39
N PRO D 222 30.05 -5.57 -11.90
CA PRO D 222 29.97 -7.02 -12.21
C PRO D 222 29.64 -7.34 -13.65
N VAL D 223 29.38 -6.34 -14.49
CA VAL D 223 29.15 -6.55 -15.92
C VAL D 223 29.95 -5.50 -16.67
N VAL D 224 30.08 -5.73 -17.98
CA VAL D 224 30.71 -4.76 -18.86
C VAL D 224 30.03 -3.41 -18.74
N GLN D 225 30.84 -2.34 -18.68
CA GLN D 225 30.34 -0.97 -18.54
C GLN D 225 30.84 -0.12 -19.70
N PHE D 226 29.93 0.38 -20.51
CA PHE D 226 30.28 1.25 -21.61
C PHE D 226 29.79 2.66 -21.31
N ALA D 227 30.46 3.65 -21.92
CA ALA D 227 29.97 5.02 -21.88
C ALA D 227 29.07 5.26 -23.09
N ALA D 228 28.06 6.10 -22.92
CA ALA D 228 27.13 6.41 -24.00
C ALA D 228 26.53 7.80 -23.78
N GLY D 229 26.41 8.55 -24.86
CA GLY D 229 25.77 9.84 -24.73
C GLY D 229 26.78 10.97 -24.83
N GLY D 230 26.84 11.61 -25.99
CA GLY D 230 27.66 12.77 -26.20
C GLY D 230 29.05 12.49 -26.72
N VAL D 231 29.38 11.24 -27.04
CA VAL D 231 30.74 10.89 -27.49
C VAL D 231 30.83 11.34 -28.95
N ALA D 232 31.48 12.47 -29.18
CA ALA D 232 31.47 13.14 -30.47
C ALA D 232 32.78 13.03 -31.25
N THR D 233 33.91 12.97 -30.57
CA THR D 233 35.21 13.05 -31.21
C THR D 233 36.07 11.87 -30.75
N PRO D 234 37.13 11.56 -31.50
CA PRO D 234 38.08 10.53 -31.00
C PRO D 234 38.57 10.84 -29.60
N ALA D 235 38.84 12.12 -29.31
CA ALA D 235 39.31 12.50 -27.98
C ALA D 235 38.29 12.15 -26.90
N ASP D 236 36.99 12.40 -27.14
CA ASP D 236 35.96 11.99 -26.18
C ASP D 236 36.02 10.48 -25.93
N ALA D 237 36.10 9.70 -27.00
CA ALA D 237 36.08 8.24 -26.86
C ALA D 237 37.26 7.75 -26.04
N ALA D 238 38.45 8.28 -26.33
CA ALA D 238 39.63 7.88 -25.58
C ALA D 238 39.54 8.33 -24.13
N LEU D 239 38.95 9.51 -23.90
CA LEU D 239 38.70 9.99 -22.54
C LEU D 239 37.87 8.99 -21.75
N MET D 240 36.78 8.50 -22.35
CA MET D 240 35.94 7.51 -21.69
C MET D 240 36.75 6.27 -21.34
N MET D 241 37.62 5.83 -22.24
CA MET D 241 38.46 4.67 -21.93
C MET D 241 39.45 4.97 -20.81
N GLN D 242 40.09 6.14 -20.82
CA GLN D 242 41.04 6.47 -19.74
C GLN D 242 40.36 6.63 -18.39
N LEU D 243 39.07 6.99 -18.37
CA LEU D 243 38.30 7.05 -17.14
C LEU D 243 37.85 5.69 -16.62
N GLY D 244 38.05 4.61 -17.39
CA GLY D 244 37.79 3.28 -16.90
C GLY D 244 36.67 2.51 -17.58
N CYS D 245 36.08 3.05 -18.65
CA CYS D 245 35.02 2.33 -19.35
C CYS D 245 35.59 1.15 -20.15
N ASP D 246 34.72 0.19 -20.45
CA ASP D 246 35.10 -0.97 -21.24
C ASP D 246 34.89 -0.75 -22.73
N GLY D 247 34.27 0.38 -23.11
CA GLY D 247 33.91 0.63 -24.49
C GLY D 247 32.96 1.82 -24.52
N VAL D 248 32.51 2.15 -25.73
CA VAL D 248 31.62 3.30 -25.88
C VAL D 248 30.56 3.03 -26.95
N PHE D 249 29.39 3.62 -26.75
CA PHE D 249 28.35 3.72 -27.77
C PHE D 249 28.47 5.06 -28.47
N VAL D 250 28.20 5.09 -29.77
CA VAL D 250 28.13 6.34 -30.52
C VAL D 250 26.90 6.29 -31.41
N GLY D 251 26.09 7.34 -31.35
CA GLY D 251 24.92 7.40 -32.22
C GLY D 251 24.96 8.53 -33.22
N SER D 252 24.72 9.75 -32.74
CA SER D 252 24.70 10.91 -33.63
C SER D 252 26.08 11.23 -34.14
N GLY D 253 27.09 11.06 -33.29
CA GLY D 253 28.46 11.47 -33.57
C GLY D 253 29.06 11.16 -34.93
N ILE D 254 28.57 10.14 -35.63
CA ILE D 254 29.24 9.59 -36.82
C ILE D 254 28.55 9.98 -38.13
N PHE D 255 27.30 9.60 -38.31
CA PHE D 255 26.64 9.85 -39.60
C PHE D 255 25.93 11.21 -39.61
N PRO D 260 32.12 9.80 -43.55
CA PRO D 260 31.50 9.24 -42.33
C PRO D 260 32.18 7.93 -41.93
N ALA D 261 32.55 7.13 -42.94
CA ALA D 261 33.37 5.95 -42.69
C ALA D 261 34.70 6.31 -42.05
N ARG D 262 35.17 7.55 -42.25
CA ARG D 262 36.43 7.98 -41.68
C ARG D 262 36.27 8.31 -40.20
N ARG D 263 35.20 9.03 -39.84
CA ARG D 263 34.97 9.34 -38.43
C ARG D 263 34.68 8.06 -37.64
N ALA D 264 34.00 7.10 -38.27
CA ALA D 264 33.72 5.83 -37.58
C ALA D 264 35.02 5.09 -37.27
N ARG D 265 35.90 5.00 -38.26
CA ARG D 265 37.20 4.37 -38.06
C ARG D 265 38.04 5.13 -37.05
N ALA D 266 37.94 6.46 -37.04
CA ALA D 266 38.76 7.23 -36.12
C ALA D 266 38.36 6.93 -34.67
N ILE D 267 37.07 6.78 -34.40
CA ILE D 267 36.62 6.50 -33.05
C ILE D 267 36.96 5.08 -32.63
N VAL D 268 36.80 4.11 -33.53
CA VAL D 268 37.29 2.75 -33.29
C VAL D 268 38.77 2.78 -32.93
N GLN D 269 39.57 3.47 -33.74
CA GLN D 269 41.01 3.55 -33.46
C GLN D 269 41.28 4.18 -32.09
N ALA D 270 40.55 5.26 -31.77
CA ALA D 270 40.78 5.94 -30.50
C ALA D 270 40.46 5.02 -29.33
N VAL D 271 39.46 4.16 -29.48
CA VAL D 271 39.11 3.26 -28.38
C VAL D 271 40.14 2.14 -28.26
N THR D 272 40.60 1.62 -29.39
CA THR D 272 41.62 0.58 -29.39
C THR D 272 42.95 1.10 -28.85
N HIS D 273 43.32 2.33 -29.19
CA HIS D 273 44.64 2.85 -28.81
C HIS D 273 44.51 4.09 -27.94
N TYR D 274 43.75 3.97 -26.84
CA TYR D 274 43.32 5.15 -26.11
C TYR D 274 44.43 5.80 -25.29
N SER D 275 45.51 5.09 -24.98
CA SER D 275 46.64 5.65 -24.24
C SER D 275 47.76 6.15 -25.13
N ASP D 276 47.53 6.24 -26.45
CA ASP D 276 48.58 6.61 -27.40
C ASP D 276 48.31 7.98 -28.02
N PRO D 277 48.88 9.07 -27.49
CA PRO D 277 48.59 10.40 -28.04
C PRO D 277 48.93 10.55 -29.51
N GLU D 278 49.96 9.84 -29.98
CA GLU D 278 50.33 9.96 -31.39
C GLU D 278 49.23 9.42 -32.29
N MET D 279 48.68 8.26 -31.95
CA MET D 279 47.55 7.72 -32.71
C MET D 279 46.35 8.66 -32.64
N LEU D 280 46.09 9.25 -31.47
CA LEU D 280 44.95 10.15 -31.35
C LEU D 280 45.11 11.38 -32.25
N VAL D 281 46.33 11.91 -32.36
CA VAL D 281 46.57 12.99 -33.31
C VAL D 281 46.30 12.52 -34.74
N GLU D 282 46.83 11.34 -35.11
CA GLU D 282 46.70 10.88 -36.48
C GLU D 282 45.24 10.80 -36.90
N VAL D 283 44.41 10.12 -36.12
CA VAL D 283 43.02 9.93 -36.52
C VAL D 283 42.20 11.21 -36.39
N SER D 284 42.61 12.15 -35.53
CA SER D 284 41.88 13.40 -35.39
C SER D 284 42.24 14.44 -36.46
N CYS D 285 43.43 14.33 -37.04
CA CYS D 285 43.94 15.38 -37.92
C CYS D 285 43.08 15.46 -39.18
N GLY D 286 42.49 16.63 -39.42
CA GLY D 286 41.68 16.89 -40.60
C GLY D 286 40.42 16.06 -40.68
N LEU D 287 39.63 16.03 -39.62
CA LEU D 287 38.51 15.11 -39.50
C LEU D 287 37.19 15.88 -39.42
O1' K8P E . 12.95 -5.77 26.83
C1' K8P E . 12.17 -4.74 26.21
C2' K8P E . 10.69 -4.86 26.63
O' K8P E . 10.25 -6.21 26.54
C3' K8P E . 9.73 -3.93 25.88
O4P K8P E . 9.40 -2.80 26.71
P K8P E . 8.02 -2.63 27.55
O2P K8P E . 7.15 -1.55 26.96
O1P K8P E . 8.39 -2.16 28.95
O3P K8P E . 7.24 -3.93 27.62
N2 K8P E . 12.41 -4.83 24.75
C2 K8P E . 13.49 -3.84 24.49
C1 K8P E . 14.88 -4.47 24.33
C3 K8P E . 13.17 -3.04 23.25
O3C K8P E . 14.09 -2.59 22.58
C4 K8P E . 11.75 -2.78 22.86
C5 K8P E . 11.41 -1.92 21.92
C1 RP5 F . 18.55 3.05 14.61
O4 RP5 F . 18.27 2.15 13.54
C2 RP5 F . 17.18 3.47 15.11
O2 RP5 F . 16.72 2.46 16.01
C3 RP5 F . 16.33 3.46 13.85
O3 RP5 F . 14.95 3.21 14.16
C4 RP5 F . 16.93 2.31 13.05
C5 RP5 F . 16.97 2.59 11.55
O5 RP5 F . 17.90 1.70 10.93
P' RP5 F . 18.11 1.66 9.34
O1X RP5 F . 17.34 2.78 8.70
O2X RP5 F . 19.58 1.82 9.04
O3X RP5 F . 17.63 0.34 8.80
O1 RP5 F . 19.25 4.18 14.10
O3P HG3 G . 18.30 0.52 8.88
P HG3 G . 17.93 1.86 9.47
O1P HG3 G . 18.98 2.89 9.15
O2P HG3 G . 16.59 2.32 8.94
O4P HG3 G . 17.84 1.70 11.07
C3 HG3 G . 17.12 2.63 11.89
C2 HG3 G . 17.39 2.31 13.37
O HG3 G . 18.71 2.74 13.72
C1 HG3 G . 16.40 2.99 14.30
O1A HG3 G . 16.61 2.51 15.63
O1 HG3 G . 15.06 2.68 13.88
C1 GOL H . 3.96 -11.90 -18.25
O1 GOL H . 3.66 -11.15 -19.40
C2 GOL H . 5.44 -11.76 -17.92
O2 GOL H . 6.18 -12.55 -18.84
C3 GOL H . 5.81 -10.30 -18.13
O3 GOL H . 7.18 -10.14 -17.90
O1' K8P I . -19.57 6.86 29.12
C1' K8P I . -19.16 8.08 28.50
C2' K8P I . -19.93 9.26 29.11
O' K8P I . -21.33 8.95 29.16
C3' K8P I . -19.73 10.61 28.41
O4P K8P I . -18.80 11.41 29.17
P K8P I . -19.21 12.63 30.15
O2P K8P I . -18.80 13.95 29.56
O1P K8P I . -18.45 12.47 31.44
O3P K8P I . -20.69 12.62 30.41
N2 K8P I . -19.31 7.91 27.03
C2 K8P I . -17.97 7.50 26.56
C1 K8P I . -17.80 6.00 26.27
C3 K8P I . -17.60 8.27 25.31
O3C K8P I . -16.85 7.75 24.49
C4 K8P I . -18.12 9.64 25.09
C5 K8P I . -17.73 10.39 24.07
C1 RP5 J . -10.72 6.84 15.93
O4 RP5 J . -11.71 6.77 14.89
C2 RP5 J . -10.89 8.23 16.50
O2 RP5 J . -12.01 8.16 17.40
C3 RP5 J . -11.26 9.06 15.28
O3 RP5 J . -12.06 10.20 15.60
C4 RP5 J . -12.05 8.07 14.42
C5 RP5 J . -11.72 8.17 12.93
O5 RP5 J . -12.54 7.20 12.28
P' RP5 J . -12.53 6.97 10.69
O1X RP5 J . -12.16 8.26 9.98
O2X RP5 J . -13.92 6.54 10.28
O3X RP5 J . -11.55 5.90 10.32
O1 RP5 J . -9.43 6.69 15.34
O3P HG3 K . -11.12 6.93 10.32
P HG3 K . -12.54 7.19 10.76
O1P HG3 K . -13.45 6.11 10.25
O2P HG3 K . -12.99 8.54 10.25
O4P HG3 K . -12.58 7.20 12.37
C3 HG3 K . -11.88 8.20 13.13
C2 HG3 K . -11.84 7.76 14.59
O HG3 K . -10.89 6.69 14.74
C1 HG3 K . -11.42 8.91 15.50
O1A HG3 K . -11.48 8.48 16.86
O1 HG3 K . -12.30 10.03 15.29
C1 GOL L . -34.57 13.04 -14.36
O1 GOL L . -34.01 13.59 -15.52
C2 GOL L . -33.50 12.29 -13.58
O2 GOL L . -33.16 13.04 -12.42
C3 GOL L . -32.26 12.13 -14.46
O3 GOL L . -31.57 10.97 -14.05
O1' K8P M . -12.56 5.92 -28.08
C1' K8P M . -11.45 6.39 -27.30
C2' K8P M . -10.14 5.75 -27.81
O' K8P M . -10.32 4.34 -27.98
C3' K8P M . -8.89 6.02 -26.96
O4P K8P M . -8.10 7.05 -27.57
P K8P M . -6.78 6.81 -28.47
O2P K8P M . -6.89 7.64 -29.73
O1P K8P M . -5.53 7.25 -27.73
O3P K8P M . -6.65 5.34 -28.81
N2 K8P M . -11.75 6.13 -25.87
C2 K8P M . -12.32 7.41 -25.35
C1 K8P M . -13.85 7.42 -25.21
C3 K8P M . -11.72 7.73 -24.01
O3C K8P M . -12.38 8.38 -23.21
C4 K8P M . -10.33 7.32 -23.68
C5 K8P M . -9.72 7.73 -22.57
C1 RP5 N . -14.77 13.32 -14.16
O4 RP5 N . -14.87 12.29 -13.16
C2 RP5 N . -13.32 13.30 -14.60
O2 RP5 N . -13.21 12.27 -15.60
C3 RP5 N . -12.58 12.86 -13.35
O3 RP5 N . -11.36 12.18 -13.67
C4 RP5 N . -13.56 11.91 -12.69
C5 RP5 N . -13.52 11.95 -11.16
O5 RP5 N . -14.46 10.99 -10.67
P' RP5 N . -14.90 10.94 -9.12
O1X RP5 N . -15.99 11.94 -8.88
O2X RP5 N . -15.40 9.56 -8.78
O3X RP5 N . -13.69 11.26 -8.28
O1 RP5 N . -15.12 14.58 -13.59
O3P HG3 O . -15.66 9.96 -8.85
P HG3 O . -14.71 11.07 -9.21
O1P HG3 O . -13.34 10.80 -8.62
O2P HG3 O . -15.23 12.39 -8.70
O4P HG3 O . -14.59 11.16 -10.82
C3 HG3 O . -13.63 12.00 -11.47
C2 HG3 O . -13.97 12.05 -12.96
O HG3 O . -15.10 12.89 -13.17
C1 HG3 O . -12.81 12.60 -13.79
O1A HG3 O . -11.60 11.88 -13.45
O1 HG3 O . -13.10 12.42 -15.18
O1' K8P P . 22.50 4.25 -29.11
C1' K8P P . 22.54 5.39 -28.23
C2' K8P P . 23.78 6.25 -28.55
O' K8P P . 24.95 5.43 -28.67
C3' K8P P . 24.05 7.40 -27.57
O4P K8P P . 23.60 8.63 -28.15
P K8P P . 24.56 9.75 -28.83
O2P K8P P . 23.91 10.18 -30.12
O1P K8P P . 24.67 10.97 -27.93
O3P K8P P . 25.94 9.21 -29.09
N2 K8P P . 22.49 4.88 -26.84
C2 K8P P . 21.06 4.96 -26.46
C1 K8P P . 20.30 3.62 -26.51
C3 K8P P . 20.91 5.52 -25.07
O3C K8P P . 19.96 5.19 -24.39
C4 K8P P . 21.90 6.50 -24.55
C5 K8P P . 21.75 7.10 -23.37
C1 RP5 Q . 13.75 5.10 -15.82
O4 RP5 Q . 14.44 4.49 -14.72
C2 RP5 Q . 14.51 6.37 -16.12
O2 RP5 Q . 15.52 6.03 -17.07
C3 RP5 Q . 15.15 6.71 -14.78
O3 RP5 Q . 16.34 7.50 -14.97
C4 RP5 Q . 15.47 5.33 -14.22
C5 RP5 Q . 15.50 5.26 -12.71
O5 RP5 Q . 15.27 3.89 -12.34
P' RP5 Q . 15.25 3.40 -10.80
O1X RP5 Q . 13.98 2.61 -10.58
O2X RP5 Q . 15.32 4.60 -9.89
O3X RP5 Q . 16.42 2.50 -10.54
O1 RP5 Q . 12.40 5.41 -15.44
O3P HG3 R . 13.95 3.95 -10.20
P HG3 R . 15.28 3.62 -10.84
O1P HG3 R . 16.36 4.51 -10.27
O2P HG3 R . 15.62 2.18 -10.59
O4P HG3 R . 15.17 3.88 -12.43
C3 HG3 R . 15.22 5.20 -12.98
C2 HG3 R . 15.19 5.11 -14.50
O HG3 R . 13.97 4.47 -14.93
C1 HG3 R . 15.25 6.48 -15.16
O1A HG3 R . 16.46 7.16 -14.77
O1 HG3 R . 15.23 6.29 -16.59
#